data_2KPI
#
_entry.id   2KPI
#
loop_
_entity.id
_entity.type
_entity.pdbx_description
1 polymer 'Uncharacterized protein SCO3027'
2 non-polymer 'ZINC ION'
#
_entity_poly.entity_id   1
_entity_poly.type   'polypeptide(L)'
_entity_poly.pdbx_seq_one_letter_code
;MPLEAGLLEILACPACHAPLEERDAELICTGQDCGLAYPVRDGIPVLLVDEARRPE
;
_entity_poly.pdbx_strand_id   A
#
# COMPACT_ATOMS: atom_id res chain seq x y z
N MET A 1 -27.17 0.64 10.11
CA MET A 1 -25.79 0.80 10.63
C MET A 1 -24.80 0.24 9.60
N PRO A 2 -24.89 0.70 8.38
CA PRO A 2 -24.00 0.24 7.27
C PRO A 2 -22.52 0.61 7.52
N LEU A 3 -21.62 -0.21 7.05
CA LEU A 3 -20.17 0.06 7.25
C LEU A 3 -19.71 1.19 6.32
N GLU A 4 -18.79 1.97 6.79
CA GLU A 4 -18.27 3.10 5.95
C GLU A 4 -17.54 2.56 4.72
N ALA A 5 -17.73 3.20 3.60
CA ALA A 5 -17.06 2.76 2.34
C ALA A 5 -16.23 3.92 1.79
N GLY A 6 -16.87 4.97 1.38
CA GLY A 6 -16.12 6.15 0.83
C GLY A 6 -15.36 5.73 -0.43
N LEU A 7 -16.06 5.24 -1.41
CA LEU A 7 -15.40 4.79 -2.67
C LEU A 7 -14.31 3.77 -2.36
N LEU A 8 -14.52 2.56 -2.77
CA LEU A 8 -13.52 1.48 -2.54
C LEU A 8 -12.33 1.71 -3.47
N GLU A 9 -12.42 2.67 -4.33
CA GLU A 9 -11.31 2.94 -5.29
C GLU A 9 -10.25 3.80 -4.59
N ILE A 10 -10.54 4.23 -3.40
CA ILE A 10 -9.56 5.08 -2.65
C ILE A 10 -8.39 4.22 -2.16
N LEU A 11 -7.19 4.67 -2.38
CA LEU A 11 -6.00 3.89 -1.95
C LEU A 11 -5.64 4.25 -0.51
N ALA A 12 -5.56 3.27 0.34
CA ALA A 12 -5.19 3.53 1.75
C ALA A 12 -4.55 2.28 2.35
N CYS A 13 -3.50 2.47 3.09
CA CYS A 13 -2.81 1.30 3.70
C CYS A 13 -3.78 0.49 4.60
N PRO A 14 -3.45 -0.74 4.91
CA PRO A 14 -4.29 -1.59 5.80
C PRO A 14 -4.61 -0.92 7.14
N ALA A 15 -3.60 -0.59 7.89
CA ALA A 15 -3.81 0.07 9.22
C ALA A 15 -3.25 1.50 9.18
N CYS A 16 -2.03 1.65 8.75
CA CYS A 16 -1.43 3.01 8.69
C CYS A 16 -2.05 3.77 7.53
N HIS A 17 -3.33 4.05 7.61
CA HIS A 17 -4.03 4.79 6.52
C HIS A 17 -3.14 5.88 5.95
N ALA A 18 -2.74 5.72 4.74
CA ALA A 18 -1.87 6.74 4.10
C ALA A 18 -1.66 6.37 2.63
N PRO A 19 -1.10 7.28 1.86
CA PRO A 19 -0.82 7.07 0.41
C PRO A 19 0.05 5.82 0.16
N LEU A 20 -0.18 5.16 -0.94
CA LEU A 20 0.61 3.93 -1.28
C LEU A 20 1.31 4.13 -2.62
N GLU A 21 2.50 3.58 -2.75
CA GLU A 21 3.25 3.72 -4.03
C GLU A 21 3.55 2.33 -4.58
N GLU A 22 3.08 2.07 -5.77
CA GLU A 22 3.32 0.74 -6.39
C GLU A 22 4.70 0.70 -7.05
N ARG A 23 5.42 -0.38 -6.87
CA ARG A 23 6.77 -0.47 -7.50
C ARG A 23 6.96 -1.89 -8.05
N ASP A 24 7.09 -1.99 -9.35
CA ASP A 24 7.28 -3.32 -9.99
C ASP A 24 6.23 -4.32 -9.49
N ALA A 25 6.65 -5.32 -8.76
CA ALA A 25 5.69 -6.35 -8.25
C ALA A 25 5.57 -6.19 -6.74
N GLU A 26 5.80 -5.01 -6.22
CA GLU A 26 5.70 -4.81 -4.75
C GLU A 26 5.06 -3.46 -4.46
N LEU A 27 4.44 -3.32 -3.31
CA LEU A 27 3.77 -2.03 -2.94
C LEU A 27 4.51 -1.40 -1.77
N ILE A 28 4.77 -0.12 -1.85
CA ILE A 28 5.49 0.58 -0.75
C ILE A 28 4.55 1.58 -0.08
N CYS A 29 4.53 1.57 1.24
CA CYS A 29 3.63 2.50 1.97
C CYS A 29 4.24 3.91 1.97
N THR A 30 3.46 4.91 1.67
CA THR A 30 3.97 6.31 1.65
C THR A 30 3.12 7.16 2.59
N GLY A 31 3.76 7.99 3.36
CA GLY A 31 3.00 8.86 4.29
C GLY A 31 3.93 9.35 5.41
N GLN A 32 3.38 9.81 6.50
CA GLN A 32 4.21 10.31 7.63
C GLN A 32 4.81 9.14 8.40
N ASP A 33 3.98 8.26 8.91
CA ASP A 33 4.48 7.09 9.68
C ASP A 33 4.60 5.89 8.74
N CYS A 34 4.35 6.09 7.47
CA CYS A 34 4.43 4.96 6.51
C CYS A 34 5.90 4.62 6.22
N GLY A 35 6.11 3.61 5.42
CA GLY A 35 7.50 3.19 5.07
C GLY A 35 7.54 1.66 4.95
N LEU A 36 6.44 1.02 5.25
CA LEU A 36 6.40 -0.47 5.17
C LEU A 36 6.33 -0.92 3.72
N ALA A 37 6.77 -2.13 3.45
CA ALA A 37 6.74 -2.66 2.05
C ALA A 37 5.92 -3.93 2.02
N TYR A 38 5.12 -4.09 1.00
CA TYR A 38 4.26 -5.31 0.86
C TYR A 38 4.50 -5.95 -0.52
N PRO A 39 5.14 -7.11 -0.58
CA PRO A 39 5.42 -7.80 -1.87
C PRO A 39 4.17 -8.54 -2.40
N VAL A 40 4.13 -8.79 -3.68
CA VAL A 40 2.95 -9.50 -4.26
C VAL A 40 3.22 -11.00 -4.28
N ARG A 41 2.27 -11.78 -3.82
CA ARG A 41 2.44 -13.26 -3.81
C ARG A 41 1.38 -13.91 -4.70
N ASP A 42 1.81 -14.72 -5.63
CA ASP A 42 0.85 -15.40 -6.55
C ASP A 42 -0.02 -14.36 -7.27
N GLY A 43 0.51 -13.19 -7.48
CA GLY A 43 -0.27 -12.12 -8.18
C GLY A 43 -1.22 -11.46 -7.19
N ILE A 44 -1.14 -11.81 -5.94
CA ILE A 44 -2.04 -11.17 -4.92
C ILE A 44 -1.21 -10.29 -3.97
N PRO A 45 -1.62 -9.07 -3.72
CA PRO A 45 -0.89 -8.14 -2.80
C PRO A 45 -1.07 -8.52 -1.33
N VAL A 46 -0.12 -8.16 -0.51
CA VAL A 46 -0.23 -8.48 0.95
C VAL A 46 -0.71 -7.24 1.71
N LEU A 47 -1.81 -7.38 2.40
CA LEU A 47 -2.37 -6.23 3.18
C LEU A 47 -2.27 -6.56 4.67
N LEU A 48 -1.40 -7.46 5.02
CA LEU A 48 -1.25 -7.84 6.46
C LEU A 48 -0.04 -7.14 7.07
N VAL A 49 -0.26 -6.49 8.18
CA VAL A 49 0.85 -5.77 8.86
C VAL A 49 1.93 -6.76 9.32
N ASP A 50 1.51 -7.87 9.85
CA ASP A 50 2.48 -8.89 10.34
C ASP A 50 3.33 -9.40 9.16
N GLU A 51 2.74 -9.56 8.02
CA GLU A 51 3.51 -10.06 6.85
C GLU A 51 4.22 -8.88 6.18
N ALA A 52 3.91 -7.69 6.57
CA ALA A 52 4.55 -6.49 5.95
C ALA A 52 6.07 -6.57 6.13
N ARG A 53 6.79 -6.08 5.15
CA ARG A 53 8.29 -6.13 5.22
C ARG A 53 8.83 -4.74 5.49
N ARG A 54 9.92 -4.67 6.20
CA ARG A 54 10.52 -3.36 6.52
C ARG A 54 11.46 -2.93 5.39
N PRO A 55 11.70 -1.65 5.24
CA PRO A 55 12.60 -1.10 4.19
C PRO A 55 13.93 -1.88 4.09
N GLU A 56 14.40 -2.09 2.89
CA GLU A 56 15.67 -2.83 2.70
C GLU A 56 16.86 -1.98 3.20
N MET A 1 -22.91 6.10 -0.43
CA MET A 1 -23.47 7.13 -1.34
C MET A 1 -22.33 7.77 -2.14
N PRO A 2 -22.63 8.24 -3.32
CA PRO A 2 -21.61 8.90 -4.19
C PRO A 2 -21.16 10.24 -3.64
N LEU A 3 -21.93 10.80 -2.74
CA LEU A 3 -21.58 12.11 -2.14
C LEU A 3 -20.84 11.89 -0.83
N GLU A 4 -20.82 10.67 -0.35
CA GLU A 4 -20.11 10.36 0.92
C GLU A 4 -18.93 9.45 0.64
N ALA A 5 -19.16 8.34 -0.02
CA ALA A 5 -18.06 7.38 -0.34
C ALA A 5 -17.43 7.76 -1.68
N GLY A 6 -18.20 7.72 -2.73
CA GLY A 6 -17.67 8.06 -4.07
C GLY A 6 -16.56 7.10 -4.46
N LEU A 7 -15.47 7.64 -4.93
CA LEU A 7 -14.33 6.78 -5.36
C LEU A 7 -13.51 6.34 -4.15
N LEU A 8 -12.34 5.80 -4.41
CA LEU A 8 -11.47 5.33 -3.30
C LEU A 8 -11.04 6.53 -2.44
N GLU A 9 -10.72 7.61 -3.08
CA GLU A 9 -10.29 8.83 -2.34
C GLU A 9 -9.23 8.47 -1.30
N ILE A 10 -7.99 8.69 -1.65
CA ILE A 10 -6.87 8.40 -0.72
C ILE A 10 -6.93 6.94 -0.26
N LEU A 11 -5.99 6.15 -0.71
CA LEU A 11 -5.96 4.72 -0.32
C LEU A 11 -5.42 4.57 1.09
N ALA A 12 -5.89 3.57 1.78
CA ALA A 12 -5.44 3.33 3.19
C ALA A 12 -4.74 1.98 3.28
N CYS A 13 -3.82 1.88 4.20
CA CYS A 13 -3.05 0.63 4.38
C CYS A 13 -3.14 0.17 5.84
N PRO A 14 -2.71 -1.03 6.10
CA PRO A 14 -2.72 -1.61 7.47
C PRO A 14 -1.83 -0.85 8.45
N ALA A 15 -2.28 -0.71 9.66
CA ALA A 15 -1.48 -0.01 10.70
C ALA A 15 -0.90 1.27 10.13
N CYS A 16 -1.42 1.70 9.00
CA CYS A 16 -0.92 2.95 8.38
C CYS A 16 -1.80 3.31 7.19
N HIS A 17 -2.35 4.48 7.20
CA HIS A 17 -3.24 4.94 6.09
C HIS A 17 -2.57 6.05 5.32
N ALA A 18 -2.29 5.80 4.07
CA ALA A 18 -1.64 6.83 3.22
C ALA A 18 -1.51 6.30 1.78
N PRO A 19 -1.08 7.14 0.88
CA PRO A 19 -0.90 6.77 -0.55
C PRO A 19 0.02 5.55 -0.73
N LEU A 20 -0.24 4.78 -1.74
CA LEU A 20 0.57 3.56 -2.00
C LEU A 20 1.20 3.64 -3.37
N GLU A 21 2.43 3.19 -3.47
CA GLU A 21 3.15 3.23 -4.79
C GLU A 21 3.69 1.84 -5.11
N GLU A 22 3.53 1.42 -6.33
CA GLU A 22 4.01 0.08 -6.75
C GLU A 22 5.49 0.15 -7.12
N ARG A 23 6.25 -0.82 -6.68
CA ARG A 23 7.69 -0.85 -7.00
C ARG A 23 8.31 -2.16 -6.54
N ASP A 24 9.38 -2.56 -7.17
CA ASP A 24 10.07 -3.82 -6.81
C ASP A 24 9.09 -4.98 -6.84
N ALA A 25 8.14 -4.93 -7.72
CA ALA A 25 7.13 -6.02 -7.84
C ALA A 25 6.31 -6.08 -6.56
N GLU A 26 6.31 -5.03 -5.79
CA GLU A 26 5.52 -5.02 -4.52
C GLU A 26 4.91 -3.65 -4.30
N LEU A 27 4.11 -3.53 -3.27
CA LEU A 27 3.44 -2.23 -2.98
C LEU A 27 4.15 -1.54 -1.81
N ILE A 28 4.58 -0.33 -2.02
CA ILE A 28 5.30 0.42 -0.96
C ILE A 28 4.44 1.56 -0.43
N CYS A 29 4.43 1.72 0.86
CA CYS A 29 3.63 2.80 1.48
C CYS A 29 4.29 4.15 1.22
N THR A 30 3.56 5.06 0.64
CA THR A 30 4.12 6.40 0.32
C THR A 30 3.42 7.47 1.15
N GLY A 31 4.11 8.00 2.12
CA GLY A 31 3.52 9.07 2.97
C GLY A 31 4.55 9.55 4.00
N GLN A 32 4.18 10.53 4.78
CA GLN A 32 5.10 11.08 5.81
C GLN A 32 5.48 9.98 6.79
N ASP A 33 4.51 9.34 7.38
CA ASP A 33 4.80 8.24 8.34
C ASP A 33 4.58 6.90 7.63
N CYS A 34 4.15 6.93 6.40
CA CYS A 34 3.91 5.67 5.64
C CYS A 34 5.16 5.31 4.85
N GLY A 35 5.78 4.22 5.21
CA GLY A 35 7.00 3.76 4.50
C GLY A 35 7.08 2.23 4.55
N LEU A 36 6.04 1.59 5.02
CA LEU A 36 6.04 0.11 5.12
C LEU A 36 6.00 -0.50 3.72
N ALA A 37 6.46 -1.73 3.62
CA ALA A 37 6.48 -2.42 2.29
C ALA A 37 5.59 -3.65 2.35
N TYR A 38 4.73 -3.78 1.35
CA TYR A 38 3.81 -4.94 1.27
C TYR A 38 4.11 -5.75 0.00
N PRO A 39 4.52 -7.00 0.15
CA PRO A 39 4.84 -7.89 -0.99
C PRO A 39 3.59 -8.40 -1.70
N VAL A 40 3.77 -8.93 -2.88
CA VAL A 40 2.62 -9.47 -3.66
C VAL A 40 2.80 -10.97 -3.90
N ARG A 41 1.74 -11.71 -3.69
CA ARG A 41 1.82 -13.19 -3.89
C ARG A 41 1.18 -13.56 -5.23
N ASP A 42 2.00 -13.85 -6.19
CA ASP A 42 1.50 -14.24 -7.54
C ASP A 42 0.54 -13.17 -8.06
N GLY A 43 0.83 -11.94 -7.77
CA GLY A 43 -0.03 -10.83 -8.24
C GLY A 43 -1.13 -10.56 -7.23
N ILE A 44 -1.05 -11.21 -6.09
CA ILE A 44 -2.09 -11.03 -5.02
C ILE A 44 -1.45 -10.31 -3.82
N PRO A 45 -1.66 -9.02 -3.73
CA PRO A 45 -1.13 -8.21 -2.59
C PRO A 45 -1.58 -8.75 -1.24
N VAL A 46 -0.67 -8.84 -0.31
CA VAL A 46 -1.01 -9.35 1.05
C VAL A 46 -1.03 -8.19 2.04
N LEU A 47 -2.18 -7.66 2.30
CA LEU A 47 -2.32 -6.53 3.25
C LEU A 47 -2.23 -7.06 4.68
N LEU A 48 -1.26 -7.92 4.92
CA LEU A 48 -1.09 -8.48 6.30
C LEU A 48 0.18 -7.92 6.93
N VAL A 49 0.05 -7.49 8.16
CA VAL A 49 1.22 -6.92 8.88
C VAL A 49 2.27 -8.00 9.08
N ASP A 50 1.85 -9.21 9.32
CA ASP A 50 2.81 -10.32 9.56
C ASP A 50 3.69 -10.49 8.33
N GLU A 51 3.12 -10.38 7.17
CA GLU A 51 3.90 -10.56 5.91
C GLU A 51 4.44 -9.20 5.46
N ALA A 52 4.06 -8.16 6.14
CA ALA A 52 4.53 -6.80 5.77
C ALA A 52 6.01 -6.66 6.11
N ARG A 53 6.72 -5.89 5.33
CA ARG A 53 8.18 -5.70 5.57
C ARG A 53 8.47 -4.24 5.86
N ARG A 54 9.37 -4.00 6.78
CA ARG A 54 9.73 -2.60 7.15
C ARG A 54 10.97 -2.17 6.36
N PRO A 55 11.09 -0.89 6.10
CA PRO A 55 12.24 -0.33 5.34
C PRO A 55 13.56 -0.47 6.10
N GLU A 56 14.64 -0.65 5.39
CA GLU A 56 15.96 -0.79 6.04
C GLU A 56 16.44 0.57 6.56
N MET A 1 -9.84 25.51 -11.27
CA MET A 1 -8.81 24.44 -11.30
C MET A 1 -7.77 24.71 -10.21
N PRO A 2 -8.21 24.83 -8.99
CA PRO A 2 -7.31 25.09 -7.82
C PRO A 2 -6.39 23.90 -7.52
N LEU A 3 -5.25 24.18 -6.96
CA LEU A 3 -4.29 23.10 -6.63
C LEU A 3 -4.62 22.53 -5.26
N GLU A 4 -5.57 23.10 -4.59
CA GLU A 4 -5.96 22.59 -3.24
C GLU A 4 -6.95 21.45 -3.39
N ALA A 5 -8.22 21.76 -3.44
CA ALA A 5 -9.26 20.71 -3.58
C ALA A 5 -9.16 19.71 -2.43
N GLY A 6 -10.25 19.05 -2.14
CA GLY A 6 -10.27 18.06 -1.03
C GLY A 6 -9.50 16.80 -1.41
N LEU A 7 -9.19 16.00 -0.44
CA LEU A 7 -8.42 14.76 -0.70
C LEU A 7 -9.30 13.75 -1.44
N LEU A 8 -8.78 13.20 -2.50
CA LEU A 8 -9.54 12.20 -3.28
C LEU A 8 -9.07 10.80 -2.90
N GLU A 9 -7.88 10.68 -2.38
CA GLU A 9 -7.33 9.34 -2.01
C GLU A 9 -8.27 8.67 -1.00
N ILE A 10 -8.76 7.51 -1.35
CA ILE A 10 -9.68 6.77 -0.45
C ILE A 10 -8.93 5.58 0.16
N LEU A 11 -7.85 5.18 -0.46
CA LEU A 11 -7.07 4.02 0.05
C LEU A 11 -6.31 4.43 1.31
N ALA A 12 -6.12 3.49 2.20
CA ALA A 12 -5.39 3.78 3.47
C ALA A 12 -4.45 2.63 3.80
N CYS A 13 -3.25 2.96 4.20
CA CYS A 13 -2.26 1.92 4.53
C CYS A 13 -2.53 1.38 5.96
N PRO A 14 -2.81 0.10 6.08
CA PRO A 14 -3.07 -0.53 7.40
C PRO A 14 -1.99 -0.23 8.42
N ALA A 15 -2.38 -0.07 9.66
CA ALA A 15 -1.40 0.22 10.75
C ALA A 15 -1.05 1.71 10.72
N CYS A 16 -0.95 2.28 9.56
CA CYS A 16 -0.58 3.72 9.45
C CYS A 16 -1.67 4.48 8.68
N HIS A 17 -1.38 5.69 8.32
CA HIS A 17 -2.37 6.53 7.56
C HIS A 17 -1.66 7.24 6.42
N ALA A 18 -1.75 6.69 5.25
CA ALA A 18 -1.13 7.32 4.08
C ALA A 18 -1.46 6.51 2.82
N PRO A 19 -1.13 7.03 1.66
CA PRO A 19 -1.38 6.35 0.36
C PRO A 19 -0.41 5.19 0.10
N LEU A 20 -0.68 4.44 -0.94
CA LEU A 20 0.21 3.29 -1.29
C LEU A 20 0.90 3.56 -2.62
N GLU A 21 2.19 3.30 -2.67
CA GLU A 21 2.95 3.54 -3.92
C GLU A 21 3.39 2.20 -4.50
N GLU A 22 3.23 2.06 -5.80
CA GLU A 22 3.61 0.79 -6.47
C GLU A 22 4.99 0.91 -7.10
N ARG A 23 5.81 -0.09 -6.90
CA ARG A 23 7.19 -0.07 -7.46
C ARG A 23 7.50 -1.41 -8.12
N ASP A 24 7.87 -1.35 -9.37
CA ASP A 24 8.20 -2.59 -10.13
C ASP A 24 7.09 -3.62 -9.97
N ALA A 25 7.39 -4.71 -9.32
CA ALA A 25 6.37 -5.78 -9.12
C ALA A 25 6.01 -5.88 -7.64
N GLU A 26 6.23 -4.82 -6.91
CA GLU A 26 5.90 -4.84 -5.44
C GLU A 26 5.27 -3.51 -5.04
N LEU A 27 4.61 -3.50 -3.90
CA LEU A 27 3.95 -2.25 -3.42
C LEU A 27 4.60 -1.79 -2.13
N ILE A 28 4.63 -0.50 -1.94
CA ILE A 28 5.27 0.06 -0.72
C ILE A 28 4.38 1.18 -0.13
N CYS A 29 4.49 1.36 1.16
CA CYS A 29 3.67 2.41 1.83
C CYS A 29 4.13 3.79 1.39
N THR A 30 3.21 4.64 1.01
CA THR A 30 3.58 5.99 0.57
C THR A 30 3.54 6.96 1.76
N GLY A 31 4.08 8.11 1.57
CA GLY A 31 4.10 9.15 2.63
C GLY A 31 5.29 8.94 3.56
N GLN A 32 5.82 10.00 4.09
CA GLN A 32 6.98 9.90 5.01
C GLN A 32 6.48 9.40 6.37
N ASP A 33 5.20 9.36 6.56
CA ASP A 33 4.63 8.89 7.84
C ASP A 33 4.61 7.36 7.86
N CYS A 34 4.98 6.76 6.76
CA CYS A 34 4.99 5.26 6.69
C CYS A 34 6.34 4.79 6.16
N GLY A 35 6.34 3.72 5.40
CA GLY A 35 7.61 3.17 4.84
C GLY A 35 7.47 1.65 4.71
N LEU A 36 6.49 1.08 5.35
CA LEU A 36 6.30 -0.41 5.29
C LEU A 36 6.34 -0.87 3.85
N ALA A 37 6.80 -2.10 3.66
CA ALA A 37 6.89 -2.66 2.27
C ALA A 37 5.93 -3.82 2.13
N TYR A 38 5.22 -3.85 1.03
CA TYR A 38 4.24 -4.94 0.76
C TYR A 38 4.57 -5.61 -0.60
N PRO A 39 5.13 -6.80 -0.57
CA PRO A 39 5.47 -7.54 -1.81
C PRO A 39 4.25 -8.23 -2.41
N VAL A 40 4.42 -8.79 -3.58
CA VAL A 40 3.30 -9.49 -4.26
C VAL A 40 3.53 -11.01 -4.25
N ARG A 41 2.52 -11.75 -3.88
CA ARG A 41 2.64 -13.24 -3.83
C ARG A 41 1.55 -13.87 -4.68
N ASP A 42 1.94 -14.71 -5.59
CA ASP A 42 0.95 -15.39 -6.47
C ASP A 42 0.13 -14.36 -7.22
N GLY A 43 0.69 -13.21 -7.45
CA GLY A 43 -0.04 -12.14 -8.18
C GLY A 43 -0.96 -11.40 -7.23
N ILE A 44 -0.88 -11.72 -5.96
CA ILE A 44 -1.76 -11.03 -4.96
C ILE A 44 -0.90 -10.20 -4.00
N PRO A 45 -1.26 -8.95 -3.79
CA PRO A 45 -0.51 -8.04 -2.88
C PRO A 45 -0.68 -8.41 -1.40
N VAL A 46 0.31 -8.12 -0.61
CA VAL A 46 0.23 -8.44 0.85
C VAL A 46 -0.33 -7.24 1.62
N LEU A 47 -1.56 -7.35 2.04
CA LEU A 47 -2.20 -6.25 2.82
C LEU A 47 -2.21 -6.63 4.30
N LEU A 48 -1.44 -7.60 4.67
CA LEU A 48 -1.39 -8.03 6.09
C LEU A 48 -0.10 -7.51 6.73
N VAL A 49 -0.23 -6.95 7.89
CA VAL A 49 0.95 -6.41 8.62
C VAL A 49 1.90 -7.55 8.99
N ASP A 50 1.35 -8.65 9.41
CA ASP A 50 2.21 -9.80 9.80
C ASP A 50 3.08 -10.24 8.63
N GLU A 51 2.53 -10.25 7.45
CA GLU A 51 3.31 -10.67 6.26
C GLU A 51 3.97 -9.45 5.62
N ALA A 52 3.66 -8.28 6.13
CA ALA A 52 4.25 -7.04 5.57
C ALA A 52 5.73 -6.95 5.92
N ARG A 53 6.49 -6.25 5.11
CA ARG A 53 7.95 -6.12 5.36
C ARG A 53 8.25 -4.78 6.04
N ARG A 54 9.12 -4.83 7.01
CA ARG A 54 9.48 -3.60 7.76
C ARG A 54 9.82 -2.48 6.78
N PRO A 55 9.92 -1.27 7.28
CA PRO A 55 10.25 -0.09 6.44
C PRO A 55 11.46 -0.33 5.54
N GLU A 56 11.35 0.06 4.29
CA GLU A 56 12.47 -0.12 3.34
C GLU A 56 12.96 -1.57 3.37
N MET A 1 -16.00 15.35 -19.14
CA MET A 1 -16.24 15.45 -17.67
C MET A 1 -16.97 14.20 -17.18
N PRO A 2 -16.43 13.05 -17.47
CA PRO A 2 -17.04 11.74 -17.07
C PRO A 2 -17.08 11.57 -15.55
N LEU A 3 -18.10 10.90 -15.07
CA LEU A 3 -18.24 10.67 -13.61
C LEU A 3 -18.30 12.01 -12.87
N GLU A 4 -19.35 12.22 -12.11
CA GLU A 4 -19.48 13.49 -11.35
C GLU A 4 -18.74 13.36 -10.02
N ALA A 5 -18.23 12.19 -9.75
CA ALA A 5 -17.49 11.99 -8.46
C ALA A 5 -16.21 12.83 -8.45
N GLY A 6 -15.90 13.42 -7.34
CA GLY A 6 -14.68 14.25 -7.24
C GLY A 6 -13.49 13.41 -6.79
N LEU A 7 -12.51 13.29 -7.63
CA LEU A 7 -11.29 12.50 -7.28
C LEU A 7 -11.69 11.11 -6.76
N LEU A 8 -11.50 10.11 -7.58
CA LEU A 8 -11.88 8.73 -7.17
C LEU A 8 -10.96 8.26 -6.05
N GLU A 9 -11.53 7.57 -5.09
CA GLU A 9 -10.72 7.06 -3.95
C GLU A 9 -9.74 5.99 -4.42
N ILE A 10 -8.54 6.03 -3.93
CA ILE A 10 -7.50 5.03 -4.32
C ILE A 10 -7.21 4.09 -3.16
N LEU A 11 -6.12 3.37 -3.25
CA LEU A 11 -5.76 2.41 -2.16
C LEU A 11 -5.28 3.15 -0.92
N ALA A 12 -5.42 2.52 0.22
CA ALA A 12 -4.98 3.16 1.49
C ALA A 12 -4.27 2.12 2.35
N CYS A 13 -3.24 2.52 3.04
CA CYS A 13 -2.50 1.54 3.90
C CYS A 13 -3.13 1.45 5.29
N PRO A 14 -3.17 0.29 5.87
CA PRO A 14 -3.75 0.08 7.23
C PRO A 14 -2.86 0.64 8.35
N ALA A 15 -3.47 1.02 9.44
CA ALA A 15 -2.70 1.54 10.60
C ALA A 15 -2.10 2.92 10.27
N CYS A 16 -1.15 2.97 9.41
CA CYS A 16 -0.52 4.27 9.05
C CYS A 16 -1.54 5.15 8.30
N HIS A 17 -2.45 4.54 7.60
CA HIS A 17 -3.47 5.34 6.84
C HIS A 17 -2.77 6.38 5.97
N ALA A 18 -2.44 6.02 4.77
CA ALA A 18 -1.78 7.02 3.87
C ALA A 18 -1.66 6.46 2.44
N PRO A 19 -1.24 7.26 1.49
CA PRO A 19 -1.10 6.84 0.07
C PRO A 19 -0.11 5.67 -0.09
N LEU A 20 -0.36 4.83 -1.05
CA LEU A 20 0.52 3.65 -1.31
C LEU A 20 1.20 3.80 -2.67
N GLU A 21 2.43 3.39 -2.74
CA GLU A 21 3.18 3.46 -4.02
C GLU A 21 3.40 2.04 -4.54
N GLU A 22 2.84 1.75 -5.68
CA GLU A 22 2.97 0.39 -6.26
C GLU A 22 4.18 0.33 -7.18
N ARG A 23 5.05 -0.63 -6.98
CA ARG A 23 6.25 -0.77 -7.84
C ARG A 23 6.42 -2.23 -8.22
N ASP A 24 6.64 -2.48 -9.48
CA ASP A 24 6.83 -3.88 -9.96
C ASP A 24 5.83 -4.82 -9.27
N ALA A 25 6.34 -5.77 -8.51
CA ALA A 25 5.46 -6.73 -7.78
C ALA A 25 5.55 -6.46 -6.29
N GLU A 26 5.55 -5.21 -5.91
CA GLU A 26 5.64 -4.87 -4.47
C GLU A 26 4.97 -3.51 -4.21
N LEU A 27 4.42 -3.34 -3.04
CA LEU A 27 3.75 -2.05 -2.68
C LEU A 27 4.49 -1.39 -1.54
N ILE A 28 4.72 -0.12 -1.65
CA ILE A 28 5.45 0.64 -0.58
C ILE A 28 4.51 1.65 0.07
N CYS A 29 4.49 1.68 1.38
CA CYS A 29 3.62 2.64 2.11
C CYS A 29 4.17 4.05 1.93
N THR A 30 3.37 4.97 1.46
CA THR A 30 3.85 6.37 1.26
C THR A 30 3.12 7.31 2.21
N GLY A 31 3.85 8.09 2.96
CA GLY A 31 3.20 9.04 3.89
C GLY A 31 4.24 9.64 4.85
N GLN A 32 3.79 10.18 5.95
CA GLN A 32 4.74 10.80 6.92
C GLN A 32 5.38 9.70 7.77
N ASP A 33 4.59 8.92 8.45
CA ASP A 33 5.13 7.82 9.30
C ASP A 33 5.13 6.53 8.49
N CYS A 34 4.82 6.62 7.23
CA CYS A 34 4.78 5.41 6.35
C CYS A 34 6.20 5.01 5.97
N GLY A 35 6.33 3.86 5.36
CA GLY A 35 7.68 3.37 4.94
C GLY A 35 7.65 1.84 4.86
N LEU A 36 6.58 1.23 5.30
CA LEU A 36 6.51 -0.25 5.28
C LEU A 36 6.36 -0.75 3.84
N ALA A 37 6.77 -1.98 3.59
CA ALA A 37 6.68 -2.54 2.22
C ALA A 37 5.88 -3.83 2.25
N TYR A 38 5.04 -4.03 1.27
CA TYR A 38 4.21 -5.28 1.20
C TYR A 38 4.45 -5.97 -0.16
N PRO A 39 4.92 -7.20 -0.16
CA PRO A 39 5.19 -7.96 -1.42
C PRO A 39 3.91 -8.49 -2.08
N VAL A 40 4.00 -8.83 -3.34
CA VAL A 40 2.81 -9.36 -4.06
C VAL A 40 2.92 -10.87 -4.18
N ARG A 41 1.87 -11.57 -3.85
CA ARG A 41 1.90 -13.07 -3.93
C ARG A 41 1.13 -13.54 -5.16
N ASP A 42 1.85 -13.95 -6.16
CA ASP A 42 1.20 -14.45 -7.41
C ASP A 42 0.20 -13.41 -7.93
N GLY A 43 0.54 -12.16 -7.83
CA GLY A 43 -0.38 -11.09 -8.32
C GLY A 43 -1.36 -10.72 -7.20
N ILE A 44 -1.16 -11.23 -6.02
CA ILE A 44 -2.08 -10.93 -4.88
C ILE A 44 -1.33 -10.08 -3.85
N PRO A 45 -1.55 -8.78 -3.82
CA PRO A 45 -0.89 -7.87 -2.83
C PRO A 45 -1.11 -8.33 -1.39
N VAL A 46 -0.10 -8.22 -0.57
CA VAL A 46 -0.25 -8.66 0.84
C VAL A 46 -0.74 -7.49 1.69
N LEU A 47 -1.86 -7.65 2.34
CA LEU A 47 -2.43 -6.56 3.20
C LEU A 47 -2.30 -6.98 4.66
N LEU A 48 -1.37 -7.85 4.95
CA LEU A 48 -1.17 -8.32 6.36
C LEU A 48 -0.01 -7.58 7.00
N VAL A 49 -0.27 -6.98 8.13
CA VAL A 49 0.79 -6.24 8.85
C VAL A 49 1.88 -7.21 9.31
N ASP A 50 1.49 -8.34 9.80
CA ASP A 50 2.50 -9.34 10.29
C ASP A 50 3.41 -9.75 9.13
N GLU A 51 2.88 -9.84 7.94
CA GLU A 51 3.72 -10.25 6.78
C GLU A 51 4.39 -9.01 6.18
N ALA A 52 3.97 -7.84 6.58
CA ALA A 52 4.58 -6.60 6.04
C ALA A 52 6.09 -6.61 6.27
N ARG A 53 6.83 -6.03 5.36
CA ARG A 53 8.32 -6.00 5.50
C ARG A 53 8.80 -4.57 5.72
N ARG A 54 9.76 -4.40 6.58
CA ARG A 54 10.28 -3.04 6.88
C ARG A 54 11.39 -2.70 5.87
N PRO A 55 11.60 -1.42 5.62
CA PRO A 55 12.64 -0.93 4.67
C PRO A 55 14.06 -1.29 5.12
N GLU A 56 14.91 -1.59 4.18
CA GLU A 56 16.31 -1.94 4.53
C GLU A 56 17.18 -1.84 3.27
N MET A 1 -4.92 3.71 -21.74
CA MET A 1 -6.25 4.30 -22.03
C MET A 1 -7.11 4.26 -20.75
N PRO A 2 -8.13 5.10 -20.66
CA PRO A 2 -9.02 5.12 -19.45
C PRO A 2 -9.54 3.73 -19.06
N LEU A 3 -9.56 3.45 -17.79
CA LEU A 3 -10.06 2.12 -17.31
C LEU A 3 -10.53 2.26 -15.87
N GLU A 4 -9.87 3.07 -15.10
CA GLU A 4 -10.25 3.27 -13.67
C GLU A 4 -11.20 4.46 -13.56
N ALA A 5 -11.46 5.10 -14.66
CA ALA A 5 -12.36 6.29 -14.64
C ALA A 5 -13.74 5.89 -14.11
N GLY A 6 -14.33 6.73 -13.31
CA GLY A 6 -15.69 6.42 -12.75
C GLY A 6 -15.53 5.78 -11.37
N LEU A 7 -14.46 5.08 -11.14
CA LEU A 7 -14.25 4.42 -9.82
C LEU A 7 -13.40 5.33 -8.92
N LEU A 8 -13.94 5.70 -7.78
CA LEU A 8 -13.20 6.59 -6.85
C LEU A 8 -12.25 5.74 -6.00
N GLU A 9 -12.79 5.06 -5.02
CA GLU A 9 -11.94 4.21 -4.13
C GLU A 9 -10.66 4.96 -3.74
N ILE A 10 -10.66 5.59 -2.60
CA ILE A 10 -9.47 6.34 -2.15
C ILE A 10 -8.39 5.37 -1.68
N LEU A 11 -7.15 5.71 -1.88
CA LEU A 11 -6.04 4.80 -1.47
C LEU A 11 -5.80 4.95 0.03
N ALA A 12 -5.60 3.86 0.71
CA ALA A 12 -5.34 3.92 2.18
C ALA A 12 -4.45 2.73 2.57
N CYS A 13 -3.31 3.00 3.15
CA CYS A 13 -2.41 1.87 3.54
C CYS A 13 -3.03 1.07 4.69
N PRO A 14 -2.69 -0.20 4.80
CA PRO A 14 -3.22 -1.09 5.89
C PRO A 14 -2.70 -0.66 7.27
N ALA A 15 -3.50 -0.80 8.29
CA ALA A 15 -3.07 -0.41 9.66
C ALA A 15 -2.88 1.11 9.74
N CYS A 16 -1.98 1.64 8.96
CA CYS A 16 -1.75 3.11 8.98
C CYS A 16 -2.68 3.79 7.97
N HIS A 17 -2.52 5.07 7.77
CA HIS A 17 -3.38 5.82 6.80
C HIS A 17 -2.52 6.76 5.95
N ALA A 18 -2.36 6.46 4.70
CA ALA A 18 -1.54 7.33 3.83
C ALA A 18 -1.58 6.77 2.39
N PRO A 19 -0.96 7.45 1.45
CA PRO A 19 -0.91 7.00 0.02
C PRO A 19 -0.02 5.76 -0.17
N LEU A 20 -0.22 5.05 -1.24
CA LEU A 20 0.61 3.83 -1.54
C LEU A 20 1.38 4.04 -2.84
N GLU A 21 2.59 3.54 -2.90
CA GLU A 21 3.41 3.69 -4.14
C GLU A 21 3.73 2.30 -4.68
N GLU A 22 3.28 2.00 -5.88
CA GLU A 22 3.55 0.67 -6.48
C GLU A 22 4.96 0.66 -7.06
N ARG A 23 5.75 -0.32 -6.71
CA ARG A 23 7.14 -0.40 -7.26
C ARG A 23 7.40 -1.80 -7.80
N ASP A 24 7.77 -1.89 -9.05
CA ASP A 24 8.04 -3.22 -9.67
C ASP A 24 6.87 -4.15 -9.45
N ALA A 25 6.94 -4.98 -8.43
CA ALA A 25 5.83 -5.93 -8.13
C ALA A 25 5.52 -5.88 -6.63
N GLU A 26 5.74 -4.75 -6.03
CA GLU A 26 5.46 -4.63 -4.55
C GLU A 26 4.85 -3.26 -4.25
N LEU A 27 4.10 -3.18 -3.17
CA LEU A 27 3.45 -1.88 -2.81
C LEU A 27 4.22 -1.24 -1.65
N ILE A 28 4.59 -0.01 -1.80
CA ILE A 28 5.35 0.70 -0.73
C ILE A 28 4.44 1.69 -0.02
N CYS A 29 4.43 1.67 1.29
CA CYS A 29 3.57 2.59 2.06
C CYS A 29 4.13 4.01 1.97
N THR A 30 3.34 4.96 1.51
CA THR A 30 3.84 6.36 1.39
C THR A 30 3.49 7.14 2.67
N GLY A 31 3.84 8.39 2.69
CA GLY A 31 3.54 9.24 3.86
C GLY A 31 4.58 9.02 4.96
N GLN A 32 4.85 10.04 5.73
CA GLN A 32 5.84 9.89 6.83
C GLN A 32 5.19 9.10 7.97
N ASP A 33 3.91 8.90 7.90
CA ASP A 33 3.22 8.14 8.97
C ASP A 33 3.39 6.65 8.73
N CYS A 34 4.02 6.28 7.64
CA CYS A 34 4.22 4.83 7.34
C CYS A 34 5.61 4.62 6.70
N GLY A 35 5.73 3.62 5.88
CA GLY A 35 7.04 3.34 5.21
C GLY A 35 7.19 1.82 5.04
N LEU A 36 6.20 1.07 5.43
CA LEU A 36 6.28 -0.41 5.31
C LEU A 36 6.14 -0.83 3.84
N ALA A 37 6.57 -2.02 3.52
CA ALA A 37 6.48 -2.51 2.10
C ALA A 37 5.67 -3.82 2.07
N TYR A 38 4.80 -3.94 1.08
CA TYR A 38 3.96 -5.18 0.96
C TYR A 38 4.23 -5.82 -0.42
N PRO A 39 4.92 -6.95 -0.47
CA PRO A 39 5.23 -7.61 -1.76
C PRO A 39 4.04 -8.41 -2.32
N VAL A 40 3.94 -8.54 -3.61
CA VAL A 40 2.82 -9.31 -4.21
C VAL A 40 3.17 -10.80 -4.22
N ARG A 41 2.27 -11.64 -3.78
CA ARG A 41 2.55 -13.11 -3.74
C ARG A 41 1.58 -13.85 -4.67
N ASP A 42 2.10 -14.64 -5.56
CA ASP A 42 1.23 -15.42 -6.50
C ASP A 42 0.31 -14.45 -7.25
N GLY A 43 0.77 -13.24 -7.48
CA GLY A 43 -0.08 -12.26 -8.24
C GLY A 43 -1.12 -11.65 -7.32
N ILE A 44 -1.07 -11.95 -6.03
CA ILE A 44 -2.07 -11.39 -5.07
C ILE A 44 -1.34 -10.50 -4.04
N PRO A 45 -1.82 -9.30 -3.78
CA PRO A 45 -1.18 -8.38 -2.79
C PRO A 45 -1.44 -8.85 -1.35
N VAL A 46 -0.48 -8.64 -0.47
CA VAL A 46 -0.66 -9.06 0.95
C VAL A 46 -1.03 -7.84 1.80
N LEU A 47 -2.10 -7.94 2.55
CA LEU A 47 -2.53 -6.80 3.41
C LEU A 47 -2.39 -7.21 4.88
N LEU A 48 -1.43 -8.04 5.18
CA LEU A 48 -1.23 -8.50 6.59
C LEU A 48 0.02 -7.84 7.19
N VAL A 49 -0.11 -7.30 8.36
CA VAL A 49 1.06 -6.64 9.01
C VAL A 49 2.15 -7.68 9.31
N ASP A 50 1.75 -8.83 9.79
CA ASP A 50 2.75 -9.88 10.11
C ASP A 50 3.54 -10.25 8.85
N GLU A 51 3.02 -9.93 7.70
CA GLU A 51 3.73 -10.26 6.42
C GLU A 51 4.37 -8.98 5.88
N ALA A 52 4.00 -7.85 6.40
CA ALA A 52 4.57 -6.57 5.91
C ALA A 52 6.09 -6.61 6.02
N ARG A 53 6.78 -6.00 5.08
CA ARG A 53 8.27 -5.99 5.13
C ARG A 53 8.76 -4.59 5.47
N ARG A 54 9.77 -4.50 6.30
CA ARG A 54 10.29 -3.17 6.71
C ARG A 54 11.32 -2.68 5.67
N PRO A 55 11.52 -1.38 5.54
CA PRO A 55 12.50 -0.82 4.57
C PRO A 55 13.84 -1.56 4.57
N GLU A 56 14.43 -1.74 3.41
CA GLU A 56 15.74 -2.44 3.31
C GLU A 56 15.62 -3.87 3.86
N MET A 1 -18.36 20.31 -10.88
CA MET A 1 -18.11 18.85 -10.71
C MET A 1 -18.10 18.52 -9.22
N PRO A 2 -19.25 18.51 -8.60
CA PRO A 2 -19.38 18.18 -7.15
C PRO A 2 -18.87 16.77 -6.83
N LEU A 3 -18.30 16.13 -7.81
CA LEU A 3 -17.77 14.75 -7.60
C LEU A 3 -16.49 14.81 -6.76
N GLU A 4 -15.39 15.14 -7.36
CA GLU A 4 -14.10 15.21 -6.61
C GLU A 4 -13.85 13.88 -5.89
N ALA A 5 -14.44 13.70 -4.75
CA ALA A 5 -14.24 12.43 -4.00
C ALA A 5 -14.93 11.28 -4.74
N GLY A 6 -15.72 11.59 -5.74
CA GLY A 6 -16.40 10.51 -6.51
C GLY A 6 -15.48 10.00 -7.60
N LEU A 7 -14.39 10.68 -7.84
CA LEU A 7 -13.44 10.23 -8.89
C LEU A 7 -12.66 9.03 -8.39
N LEU A 8 -11.67 9.25 -7.57
CA LEU A 8 -10.85 8.11 -7.05
C LEU A 8 -11.49 7.58 -5.76
N GLU A 9 -11.71 6.30 -5.70
CA GLU A 9 -12.32 5.69 -4.49
C GLU A 9 -11.51 6.06 -3.25
N ILE A 10 -11.85 5.48 -2.13
CA ILE A 10 -11.11 5.78 -0.86
C ILE A 10 -9.98 4.78 -0.70
N LEU A 11 -8.77 5.24 -0.56
CA LEU A 11 -7.60 4.32 -0.39
C LEU A 11 -6.96 4.62 0.96
N ALA A 12 -6.82 3.63 1.80
CA ALA A 12 -6.20 3.84 3.14
C ALA A 12 -5.26 2.69 3.44
N CYS A 13 -4.19 2.94 4.15
CA CYS A 13 -3.22 1.85 4.47
C CYS A 13 -3.46 1.33 5.91
N PRO A 14 -3.86 0.09 6.09
CA PRO A 14 -4.09 -0.47 7.46
C PRO A 14 -2.90 -0.25 8.42
N ALA A 15 -3.18 -0.07 9.68
CA ALA A 15 -2.10 0.16 10.68
C ALA A 15 -1.57 1.59 10.56
N CYS A 16 -1.51 2.12 9.36
CA CYS A 16 -1.00 3.52 9.18
C CYS A 16 -2.05 4.35 8.43
N HIS A 17 -1.68 5.49 7.94
CA HIS A 17 -2.65 6.35 7.20
C HIS A 17 -1.92 7.12 6.09
N ALA A 18 -2.20 6.80 4.86
CA ALA A 18 -1.55 7.52 3.73
C ALA A 18 -1.74 6.71 2.44
N PRO A 19 -1.63 7.35 1.29
CA PRO A 19 -1.79 6.66 -0.03
C PRO A 19 -0.80 5.47 -0.20
N LEU A 20 -0.90 4.78 -1.30
CA LEU A 20 0.02 3.63 -1.57
C LEU A 20 0.80 3.90 -2.86
N GLU A 21 2.05 3.53 -2.89
CA GLU A 21 2.88 3.76 -4.12
C GLU A 21 3.45 2.43 -4.63
N GLU A 22 3.35 2.21 -5.90
CA GLU A 22 3.86 0.93 -6.50
C GLU A 22 5.34 1.10 -6.85
N ARG A 23 6.14 0.09 -6.59
CA ARG A 23 7.59 0.19 -6.90
C ARG A 23 8.06 -1.14 -7.51
N ASP A 24 8.60 -1.08 -8.70
CA ASP A 24 9.11 -2.30 -9.38
C ASP A 24 8.00 -3.35 -9.45
N ALA A 25 7.97 -4.24 -8.49
CA ALA A 25 6.93 -5.30 -8.48
C ALA A 25 6.37 -5.42 -7.06
N GLU A 26 6.40 -4.35 -6.30
CA GLU A 26 5.88 -4.40 -4.90
C GLU A 26 5.10 -3.14 -4.59
N LEU A 27 4.26 -3.17 -3.58
CA LEU A 27 3.46 -1.96 -3.22
C LEU A 27 3.97 -1.40 -1.90
N ILE A 28 4.44 -0.18 -1.91
CA ILE A 28 5.00 0.43 -0.66
C ILE A 28 4.02 1.48 -0.14
N CYS A 29 3.93 1.59 1.16
CA CYS A 29 2.99 2.57 1.74
C CYS A 29 3.52 3.99 1.51
N THR A 30 2.67 4.89 1.08
CA THR A 30 3.12 6.28 0.82
C THR A 30 3.36 7.01 2.14
N GLY A 31 4.32 7.88 2.14
CA GLY A 31 4.64 8.67 3.38
C GLY A 31 5.95 8.17 4.00
N GLN A 32 6.76 9.06 4.48
CA GLN A 32 8.05 8.67 5.10
C GLN A 32 7.77 7.88 6.38
N ASP A 33 6.88 8.36 7.20
CA ASP A 33 6.58 7.66 8.48
C ASP A 33 5.67 6.47 8.18
N CYS A 34 5.22 6.35 6.96
CA CYS A 34 4.33 5.21 6.59
C CYS A 34 5.20 4.02 6.18
N GLY A 35 6.18 4.27 5.34
CA GLY A 35 7.08 3.18 4.88
C GLY A 35 6.27 1.92 4.58
N LEU A 36 6.32 0.96 5.47
CA LEU A 36 5.56 -0.32 5.29
C LEU A 36 5.63 -0.80 3.83
N ALA A 37 6.32 -1.91 3.62
CA ALA A 37 6.46 -2.46 2.24
C ALA A 37 5.57 -3.71 2.10
N TYR A 38 4.74 -3.72 1.08
CA TYR A 38 3.83 -4.88 0.84
C TYR A 38 4.23 -5.56 -0.48
N PRO A 39 4.89 -6.71 -0.42
CA PRO A 39 5.30 -7.44 -1.64
C PRO A 39 4.15 -8.23 -2.25
N VAL A 40 4.33 -8.73 -3.45
CA VAL A 40 3.24 -9.50 -4.11
C VAL A 40 3.40 -10.99 -3.79
N ARG A 41 2.34 -11.64 -3.38
CA ARG A 41 2.43 -13.11 -3.05
C ARG A 41 1.58 -13.90 -4.04
N ASP A 42 2.13 -14.92 -4.63
CA ASP A 42 1.35 -15.74 -5.61
C ASP A 42 0.84 -14.85 -6.75
N GLY A 43 1.23 -13.60 -6.75
CA GLY A 43 0.78 -12.67 -7.84
C GLY A 43 -0.22 -11.67 -7.27
N ILE A 44 -0.65 -11.86 -6.05
CA ILE A 44 -1.62 -10.90 -5.43
C ILE A 44 -0.92 -10.08 -4.31
N PRO A 45 -1.13 -8.76 -4.25
CA PRO A 45 -0.53 -7.91 -3.18
C PRO A 45 -0.80 -8.46 -1.77
N VAL A 46 0.14 -8.32 -0.88
CA VAL A 46 -0.06 -8.80 0.52
C VAL A 46 -0.61 -7.65 1.38
N LEU A 47 -1.83 -7.76 1.81
CA LEU A 47 -2.43 -6.68 2.64
C LEU A 47 -2.31 -7.07 4.12
N LEU A 48 -1.48 -8.04 4.42
CA LEU A 48 -1.33 -8.48 5.83
C LEU A 48 -0.16 -7.75 6.48
N VAL A 49 -0.42 -7.12 7.60
CA VAL A 49 0.65 -6.37 8.30
C VAL A 49 1.72 -7.34 8.81
N ASP A 50 1.30 -8.46 9.36
CA ASP A 50 2.28 -9.44 9.90
C ASP A 50 3.20 -9.92 8.77
N GLU A 51 2.69 -10.10 7.59
CA GLU A 51 3.54 -10.57 6.46
C GLU A 51 4.15 -9.36 5.74
N ALA A 52 3.73 -8.18 6.11
CA ALA A 52 4.28 -6.96 5.45
C ALA A 52 5.77 -6.82 5.77
N ARG A 53 6.52 -6.17 4.92
CA ARG A 53 7.98 -6.00 5.16
C ARG A 53 8.27 -4.58 5.69
N ARG A 54 9.18 -4.48 6.61
CA ARG A 54 9.50 -3.14 7.20
C ARG A 54 10.59 -2.45 6.35
N PRO A 55 10.60 -1.14 6.31
CA PRO A 55 11.61 -0.36 5.51
C PRO A 55 13.03 -0.50 6.06
N GLU A 56 14.01 -0.46 5.20
CA GLU A 56 15.43 -0.58 5.66
C GLU A 56 15.58 -1.82 6.55
N MET A 1 6.22 14.23 -12.56
CA MET A 1 5.48 14.93 -11.47
C MET A 1 4.68 13.91 -10.64
N PRO A 2 5.36 13.16 -9.82
CA PRO A 2 4.71 12.12 -8.95
C PRO A 2 3.72 12.75 -7.97
N LEU A 3 3.77 14.04 -7.82
CA LEU A 3 2.84 14.73 -6.88
C LEU A 3 1.48 14.89 -7.56
N GLU A 4 1.36 14.47 -8.79
CA GLU A 4 0.06 14.59 -9.52
C GLU A 4 -0.15 13.35 -10.37
N ALA A 5 0.91 12.73 -10.80
CA ALA A 5 0.77 11.52 -11.67
C ALA A 5 0.12 10.38 -10.88
N GLY A 6 -0.69 9.59 -11.53
CA GLY A 6 -1.34 8.44 -10.85
C GLY A 6 -1.85 8.84 -9.46
N LEU A 7 -2.02 7.88 -8.59
CA LEU A 7 -2.51 8.17 -7.21
C LEU A 7 -4.02 8.43 -7.25
N LEU A 8 -4.44 9.43 -7.99
CA LEU A 8 -5.89 9.74 -8.09
C LEU A 8 -6.53 9.71 -6.70
N GLU A 9 -7.32 8.70 -6.42
CA GLU A 9 -8.00 8.61 -5.10
C GLU A 9 -6.96 8.49 -3.99
N ILE A 10 -7.28 9.02 -2.82
CA ILE A 10 -6.33 8.94 -1.69
C ILE A 10 -6.38 7.54 -1.08
N LEU A 11 -5.51 6.67 -1.50
CA LEU A 11 -5.51 5.28 -0.99
C LEU A 11 -4.88 5.26 0.41
N ALA A 12 -5.21 4.27 1.20
CA ALA A 12 -4.65 4.17 2.59
C ALA A 12 -3.92 2.84 2.75
N CYS A 13 -2.77 2.86 3.35
CA CYS A 13 -1.99 1.60 3.53
C CYS A 13 -2.58 0.78 4.71
N PRO A 14 -2.41 -0.52 4.68
CA PRO A 14 -2.92 -1.41 5.77
C PRO A 14 -2.20 -1.18 7.10
N ALA A 15 -2.91 -1.25 8.19
CA ALA A 15 -2.28 -1.04 9.53
C ALA A 15 -1.90 0.44 9.68
N CYS A 16 -1.14 0.96 8.75
CA CYS A 16 -0.73 2.39 8.85
C CYS A 16 -1.70 3.26 8.03
N HIS A 17 -1.39 4.52 7.90
CA HIS A 17 -2.27 5.44 7.11
C HIS A 17 -1.41 6.31 6.19
N ALA A 18 -1.48 6.07 4.90
CA ALA A 18 -0.69 6.89 3.95
C ALA A 18 -0.85 6.30 2.54
N PRO A 19 -0.66 7.09 1.51
CA PRO A 19 -0.77 6.60 0.10
C PRO A 19 0.12 5.38 -0.17
N LEU A 20 -0.28 4.57 -1.13
CA LEU A 20 0.51 3.34 -1.48
C LEU A 20 1.26 3.57 -2.78
N GLU A 21 2.51 3.19 -2.82
CA GLU A 21 3.34 3.38 -4.05
C GLU A 21 3.64 1.99 -4.62
N GLU A 22 3.46 1.84 -5.89
CA GLU A 22 3.70 0.52 -6.55
C GLU A 22 5.15 0.45 -7.02
N ARG A 23 5.85 -0.59 -6.66
CA ARG A 23 7.28 -0.73 -7.12
C ARG A 23 7.44 -2.09 -7.80
N ASP A 24 7.60 -2.09 -9.10
CA ASP A 24 7.77 -3.36 -9.86
C ASP A 24 6.63 -4.32 -9.53
N ALA A 25 6.74 -5.06 -8.46
CA ALA A 25 5.67 -6.02 -8.08
C ALA A 25 5.49 -6.00 -6.56
N GLU A 26 5.80 -4.89 -5.95
CA GLU A 26 5.67 -4.78 -4.45
C GLU A 26 5.00 -3.44 -4.09
N LEU A 27 4.39 -3.38 -2.94
CA LEU A 27 3.70 -2.12 -2.52
C LEU A 27 4.50 -1.45 -1.41
N ILE A 28 4.75 -0.16 -1.56
CA ILE A 28 5.53 0.59 -0.52
C ILE A 28 4.72 1.79 -0.04
N CYS A 29 4.61 1.94 1.25
CA CYS A 29 3.83 3.10 1.77
C CYS A 29 4.52 4.40 1.38
N THR A 30 3.76 5.44 1.12
CA THR A 30 4.40 6.74 0.72
C THR A 30 5.38 7.17 1.83
N GLY A 31 5.23 6.64 3.02
CA GLY A 31 6.15 7.03 4.11
C GLY A 31 5.72 8.37 4.71
N GLN A 32 4.56 8.85 4.31
CA GLN A 32 4.06 10.15 4.84
C GLN A 32 3.86 10.02 6.35
N ASP A 33 3.28 8.92 6.79
CA ASP A 33 3.04 8.72 8.25
C ASP A 33 3.63 7.36 8.66
N CYS A 34 4.05 6.57 7.71
CA CYS A 34 4.63 5.23 8.03
C CYS A 34 5.81 4.95 7.10
N GLY A 35 5.67 3.97 6.24
CA GLY A 35 6.78 3.61 5.30
C GLY A 35 6.89 2.09 5.21
N LEU A 36 5.84 1.39 5.57
CA LEU A 36 5.86 -0.09 5.52
C LEU A 36 5.73 -0.56 4.08
N ALA A 37 6.17 -1.77 3.80
CA ALA A 37 6.08 -2.32 2.41
C ALA A 37 5.44 -3.70 2.45
N TYR A 38 4.75 -4.06 1.40
CA TYR A 38 4.09 -5.39 1.33
C TYR A 38 4.34 -6.02 -0.05
N PRO A 39 4.83 -7.25 -0.11
CA PRO A 39 5.09 -7.93 -1.41
C PRO A 39 3.80 -8.48 -2.04
N VAL A 40 3.85 -8.86 -3.29
CA VAL A 40 2.64 -9.40 -3.99
C VAL A 40 2.82 -10.89 -4.21
N ARG A 41 1.82 -11.69 -3.88
CA ARG A 41 1.93 -13.16 -4.08
C ARG A 41 1.12 -13.58 -5.30
N ASP A 42 1.80 -13.93 -6.37
CA ASP A 42 1.08 -14.36 -7.61
C ASP A 42 0.07 -13.30 -8.01
N GLY A 43 0.40 -12.04 -7.91
CA GLY A 43 -0.55 -10.97 -8.31
C GLY A 43 -1.52 -10.68 -7.16
N ILE A 44 -1.35 -11.33 -6.03
CA ILE A 44 -2.25 -11.10 -4.87
C ILE A 44 -1.49 -10.32 -3.78
N PRO A 45 -1.76 -9.04 -3.62
CA PRO A 45 -1.09 -8.20 -2.58
C PRO A 45 -1.18 -8.82 -1.19
N VAL A 46 -0.11 -8.78 -0.44
CA VAL A 46 -0.12 -9.37 0.92
C VAL A 46 -0.58 -8.32 1.92
N LEU A 47 -1.82 -8.38 2.32
CA LEU A 47 -2.36 -7.39 3.29
C LEU A 47 -2.22 -7.96 4.71
N LEU A 48 -1.17 -8.69 4.96
CA LEU A 48 -0.96 -9.30 6.30
C LEU A 48 0.07 -8.48 7.09
N VAL A 49 -0.28 -8.07 8.27
CA VAL A 49 0.65 -7.27 9.11
C VAL A 49 1.87 -8.12 9.48
N ASP A 50 1.65 -9.35 9.87
CA ASP A 50 2.78 -10.22 10.27
C ASP A 50 3.75 -10.39 9.10
N GLU A 51 3.25 -10.40 7.89
CA GLU A 51 4.14 -10.56 6.71
C GLU A 51 4.55 -9.18 6.20
N ALA A 52 4.27 -8.15 6.97
CA ALA A 52 4.64 -6.76 6.52
C ALA A 52 6.15 -6.65 6.39
N ARG A 53 6.62 -5.89 5.44
CA ARG A 53 8.09 -5.72 5.24
C ARG A 53 8.50 -4.29 5.62
N ARG A 54 9.60 -4.16 6.33
CA ARG A 54 10.06 -2.80 6.74
C ARG A 54 10.94 -2.19 5.63
N PRO A 55 10.97 -0.89 5.52
CA PRO A 55 11.79 -0.18 4.49
C PRO A 55 13.29 -0.38 4.69
N GLU A 56 14.04 -0.45 3.62
CA GLU A 56 15.52 -0.63 3.74
C GLU A 56 16.15 -0.46 2.35
N MET A 1 -7.83 20.33 -10.94
CA MET A 1 -8.97 19.78 -10.16
C MET A 1 -9.17 18.30 -10.50
N PRO A 2 -8.31 17.46 -10.00
CA PRO A 2 -8.37 15.98 -10.26
C PRO A 2 -9.69 15.35 -9.81
N LEU A 3 -10.14 14.36 -10.51
CA LEU A 3 -11.43 13.71 -10.15
C LEU A 3 -11.28 12.92 -8.86
N GLU A 4 -12.00 13.31 -7.84
CA GLU A 4 -11.93 12.60 -6.52
C GLU A 4 -10.47 12.24 -6.19
N ALA A 5 -10.21 10.98 -5.97
CA ALA A 5 -8.82 10.53 -5.62
C ALA A 5 -8.29 9.64 -6.74
N GLY A 6 -8.01 10.21 -7.88
CA GLY A 6 -7.47 9.40 -9.02
C GLY A 6 -8.60 8.55 -9.62
N LEU A 7 -9.82 9.00 -9.50
CA LEU A 7 -10.97 8.24 -10.04
C LEU A 7 -10.98 6.83 -9.47
N LEU A 8 -12.01 6.51 -8.73
CA LEU A 8 -12.14 5.17 -8.12
C LEU A 8 -10.79 4.64 -7.63
N GLU A 9 -10.70 3.35 -7.45
CA GLU A 9 -9.42 2.73 -6.97
C GLU A 9 -8.83 3.59 -5.86
N ILE A 10 -9.35 3.46 -4.66
CA ILE A 10 -8.82 4.26 -3.53
C ILE A 10 -7.73 3.49 -2.81
N LEU A 11 -6.60 4.11 -2.59
CA LEU A 11 -5.47 3.41 -1.90
C LEU A 11 -5.37 3.92 -0.46
N ALA A 12 -5.28 3.03 0.48
CA ALA A 12 -5.17 3.47 1.91
C ALA A 12 -4.36 2.44 2.69
N CYS A 13 -3.59 2.89 3.64
CA CYS A 13 -2.76 1.94 4.43
C CYS A 13 -3.53 1.52 5.70
N PRO A 14 -3.47 0.26 6.09
CA PRO A 14 -4.18 -0.22 7.32
C PRO A 14 -3.56 0.37 8.60
N ALA A 15 -3.05 1.58 8.53
CA ALA A 15 -2.43 2.22 9.72
C ALA A 15 -2.55 3.74 9.59
N CYS A 16 -1.73 4.33 8.76
CA CYS A 16 -1.78 5.80 8.59
C CYS A 16 -2.81 6.14 7.50
N HIS A 17 -3.54 5.15 7.04
CA HIS A 17 -4.56 5.41 5.98
C HIS A 17 -3.88 6.08 4.79
N ALA A 18 -2.58 6.10 4.77
CA ALA A 18 -1.87 6.76 3.65
C ALA A 18 -1.96 5.88 2.39
N PRO A 19 -1.92 6.47 1.22
CA PRO A 19 -1.98 5.71 -0.07
C PRO A 19 -0.73 4.83 -0.29
N LEU A 20 -0.83 3.90 -1.20
CA LEU A 20 0.31 2.98 -1.49
C LEU A 20 0.89 3.32 -2.84
N GLU A 21 2.18 3.12 -2.99
CA GLU A 21 2.85 3.42 -4.29
C GLU A 21 3.32 2.11 -4.91
N GLU A 22 3.08 1.96 -6.19
CA GLU A 22 3.48 0.71 -6.90
C GLU A 22 4.94 0.81 -7.34
N ARG A 23 5.75 -0.15 -6.96
CA ARG A 23 7.19 -0.11 -7.36
C ARG A 23 7.59 -1.49 -7.91
N ASP A 24 7.97 -1.53 -9.16
CA ASP A 24 8.39 -2.81 -9.79
C ASP A 24 7.32 -3.88 -9.58
N ALA A 25 7.43 -4.63 -8.51
CA ALA A 25 6.42 -5.71 -8.23
C ALA A 25 6.07 -5.67 -6.75
N GLU A 26 6.14 -4.52 -6.15
CA GLU A 26 5.79 -4.42 -4.70
C GLU A 26 5.12 -3.09 -4.41
N LEU A 27 4.40 -3.00 -3.30
CA LEU A 27 3.71 -1.72 -2.95
C LEU A 27 4.39 -1.08 -1.75
N ILE A 28 4.62 0.20 -1.82
CA ILE A 28 5.29 0.93 -0.70
C ILE A 28 4.31 1.94 -0.10
N CYS A 29 4.18 1.92 1.21
CA CYS A 29 3.23 2.87 1.86
C CYS A 29 3.73 4.31 1.70
N THR A 30 2.86 5.20 1.29
CA THR A 30 3.28 6.61 1.12
C THR A 30 3.35 7.28 2.51
N GLY A 31 3.04 6.55 3.54
CA GLY A 31 3.08 7.14 4.91
C GLY A 31 4.53 7.38 5.33
N GLN A 32 4.83 8.57 5.79
CA GLN A 32 6.21 8.88 6.23
C GLN A 32 6.53 8.10 7.51
N ASP A 33 5.58 8.00 8.40
CA ASP A 33 5.83 7.25 9.67
C ASP A 33 5.58 5.77 9.44
N CYS A 34 5.12 5.41 8.27
CA CYS A 34 4.86 3.97 7.98
C CYS A 34 6.09 3.36 7.29
N GLY A 35 6.33 3.75 6.06
CA GLY A 35 7.49 3.21 5.32
C GLY A 35 7.32 1.70 5.14
N LEU A 36 6.13 1.21 5.35
CA LEU A 36 5.91 -0.26 5.21
C LEU A 36 5.81 -0.63 3.74
N ALA A 37 6.24 -1.84 3.42
CA ALA A 37 6.18 -2.30 1.99
C ALA A 37 5.51 -3.67 1.92
N TYR A 38 4.76 -3.91 0.88
CA TYR A 38 4.06 -5.21 0.72
C TYR A 38 4.34 -5.77 -0.69
N PRO A 39 5.03 -6.90 -0.79
CA PRO A 39 5.36 -7.52 -2.12
C PRO A 39 4.15 -8.25 -2.74
N VAL A 40 4.16 -8.42 -4.03
CA VAL A 40 3.04 -9.13 -4.71
C VAL A 40 3.26 -10.63 -4.62
N ARG A 41 2.26 -11.38 -4.19
CA ARG A 41 2.43 -12.86 -4.08
C ARG A 41 1.29 -13.56 -4.81
N ASP A 42 1.63 -14.52 -5.63
CA ASP A 42 0.59 -15.28 -6.39
C ASP A 42 -0.30 -14.31 -7.17
N GLY A 43 0.22 -13.16 -7.54
CA GLY A 43 -0.59 -12.19 -8.32
C GLY A 43 -1.31 -11.23 -7.39
N ILE A 44 -1.20 -11.42 -6.09
CA ILE A 44 -1.89 -10.49 -5.14
C ILE A 44 -0.94 -10.17 -3.95
N PRO A 45 -0.85 -8.92 -3.54
CA PRO A 45 -0.01 -8.52 -2.37
C PRO A 45 -0.69 -8.82 -1.04
N VAL A 46 0.07 -8.98 -0.01
CA VAL A 46 -0.51 -9.28 1.33
C VAL A 46 -0.85 -7.96 2.03
N LEU A 47 -2.05 -7.86 2.54
CA LEU A 47 -2.47 -6.61 3.25
C LEU A 47 -2.41 -6.84 4.76
N LEU A 48 -1.46 -7.63 5.20
CA LEU A 48 -1.33 -7.91 6.66
C LEU A 48 -0.05 -7.26 7.20
N VAL A 49 -0.15 -6.66 8.35
CA VAL A 49 1.04 -5.99 8.95
C VAL A 49 2.10 -7.03 9.30
N ASP A 50 1.70 -8.15 9.85
CA ASP A 50 2.68 -9.20 10.23
C ASP A 50 3.45 -9.66 8.98
N GLU A 51 2.80 -9.69 7.86
CA GLU A 51 3.50 -10.14 6.62
C GLU A 51 4.10 -8.92 5.91
N ALA A 52 3.77 -7.75 6.38
CA ALA A 52 4.30 -6.52 5.74
C ALA A 52 5.80 -6.40 5.96
N ARG A 53 6.51 -5.80 5.04
CA ARG A 53 7.99 -5.65 5.18
C ARG A 53 8.32 -4.24 5.64
N ARG A 54 9.24 -4.12 6.56
CA ARG A 54 9.64 -2.78 7.07
C ARG A 54 10.88 -2.28 6.31
N PRO A 55 11.15 -1.00 6.35
CA PRO A 55 12.34 -0.41 5.67
C PRO A 55 13.64 -1.13 6.03
N GLU A 56 14.52 -1.31 5.07
CA GLU A 56 15.81 -2.00 5.35
C GLU A 56 16.80 -1.66 4.23
N MET A 1 -16.38 3.87 -15.68
CA MET A 1 -15.86 5.12 -15.06
C MET A 1 -16.97 5.77 -14.24
N PRO A 2 -17.25 5.24 -13.08
CA PRO A 2 -18.31 5.78 -12.18
C PRO A 2 -18.06 7.24 -11.79
N LEU A 3 -19.11 7.99 -11.67
CA LEU A 3 -18.96 9.44 -11.30
C LEU A 3 -18.59 9.57 -9.82
N GLU A 4 -17.77 10.55 -9.53
CA GLU A 4 -17.33 10.79 -8.12
C GLU A 4 -16.91 9.47 -7.47
N ALA A 5 -15.72 9.03 -7.79
CA ALA A 5 -15.22 7.76 -7.21
C ALA A 5 -15.01 7.91 -5.70
N GLY A 6 -15.26 6.86 -4.96
CA GLY A 6 -15.08 6.91 -3.49
C GLY A 6 -14.61 5.54 -2.97
N LEU A 7 -15.53 4.64 -2.77
CA LEU A 7 -15.15 3.29 -2.27
C LEU A 7 -14.74 2.41 -3.44
N LEU A 8 -14.82 2.94 -4.63
CA LEU A 8 -14.45 2.12 -5.82
C LEU A 8 -12.96 2.28 -6.10
N GLU A 9 -12.23 1.21 -5.93
CA GLU A 9 -10.77 1.23 -6.20
C GLU A 9 -10.10 2.27 -5.31
N ILE A 10 -10.08 2.03 -4.03
CA ILE A 10 -9.45 3.00 -3.07
C ILE A 10 -8.15 2.41 -2.52
N LEU A 11 -7.09 3.16 -2.59
CA LEU A 11 -5.77 2.68 -2.10
C LEU A 11 -5.46 3.32 -0.75
N ALA A 12 -5.20 2.50 0.23
CA ALA A 12 -4.88 3.05 1.59
C ALA A 12 -4.07 2.01 2.37
N CYS A 13 -3.20 2.47 3.22
CA CYS A 13 -2.37 1.53 4.02
C CYS A 13 -3.15 1.09 5.28
N PRO A 14 -3.32 -0.18 5.51
CA PRO A 14 -4.05 -0.68 6.71
C PRO A 14 -3.55 0.01 7.99
N ALA A 15 -2.36 0.53 7.95
CA ALA A 15 -1.80 1.22 9.15
C ALA A 15 -2.13 2.72 9.08
N CYS A 16 -2.35 3.22 7.89
CA CYS A 16 -2.68 4.67 7.76
C CYS A 16 -3.34 4.94 6.41
N HIS A 17 -3.99 6.06 6.28
CA HIS A 17 -4.66 6.40 4.99
C HIS A 17 -3.61 6.79 3.97
N ALA A 18 -2.36 6.73 4.37
CA ALA A 18 -1.27 7.11 3.44
C ALA A 18 -1.40 6.33 2.12
N PRO A 19 -1.48 7.01 1.00
CA PRO A 19 -1.59 6.33 -0.33
C PRO A 19 -0.54 5.24 -0.53
N LEU A 20 -0.76 4.38 -1.49
CA LEU A 20 0.20 3.27 -1.77
C LEU A 20 0.89 3.49 -3.10
N GLU A 21 2.17 3.23 -3.15
CA GLU A 21 2.94 3.41 -4.41
C GLU A 21 3.40 2.04 -4.91
N GLU A 22 3.02 1.71 -6.12
CA GLU A 22 3.41 0.39 -6.69
C GLU A 22 4.86 0.43 -7.15
N ARG A 23 5.67 -0.46 -6.64
CA ARG A 23 7.10 -0.50 -7.03
C ARG A 23 7.46 -1.93 -7.46
N ASP A 24 7.83 -2.08 -8.70
CA ASP A 24 8.21 -3.43 -9.21
C ASP A 24 7.11 -4.44 -8.91
N ALA A 25 7.37 -5.34 -8.00
CA ALA A 25 6.35 -6.38 -7.64
C ALA A 25 5.97 -6.19 -6.17
N GLU A 26 6.09 -4.99 -5.66
CA GLU A 26 5.73 -4.75 -4.22
C GLU A 26 5.05 -3.39 -4.08
N LEU A 27 4.35 -3.20 -2.99
CA LEU A 27 3.64 -1.89 -2.77
C LEU A 27 4.32 -1.15 -1.62
N ILE A 28 4.63 0.10 -1.83
CA ILE A 28 5.31 0.91 -0.77
C ILE A 28 4.34 1.95 -0.22
N CYS A 29 4.22 2.00 1.08
CA CYS A 29 3.30 2.97 1.71
C CYS A 29 3.85 4.39 1.56
N THR A 30 3.01 5.30 1.13
CA THR A 30 3.48 6.71 0.97
C THR A 30 3.51 7.41 2.33
N GLY A 31 3.17 6.68 3.37
CA GLY A 31 3.17 7.30 4.73
C GLY A 31 4.59 7.63 5.17
N GLN A 32 4.78 8.80 5.68
CA GLN A 32 6.15 9.22 6.14
C GLN A 32 6.58 8.37 7.34
N ASP A 33 5.70 8.20 8.30
CA ASP A 33 6.06 7.38 9.50
C ASP A 33 5.79 5.91 9.20
N CYS A 34 5.22 5.63 8.06
CA CYS A 34 4.93 4.20 7.69
C CYS A 34 6.08 3.65 6.84
N GLY A 35 6.19 4.14 5.63
CA GLY A 35 7.27 3.66 4.72
C GLY A 35 7.25 2.13 4.68
N LEU A 36 6.16 1.54 5.07
CA LEU A 36 6.07 0.05 5.07
C LEU A 36 5.94 -0.46 3.64
N ALA A 37 6.43 -1.66 3.41
CA ALA A 37 6.36 -2.26 2.04
C ALA A 37 5.61 -3.58 2.11
N TYR A 38 4.66 -3.74 1.23
CA TYR A 38 3.86 -5.00 1.20
C TYR A 38 4.20 -5.79 -0.07
N PRO A 39 4.55 -7.06 0.06
CA PRO A 39 4.90 -7.92 -1.11
C PRO A 39 3.65 -8.43 -1.84
N VAL A 40 3.82 -8.87 -3.06
CA VAL A 40 2.67 -9.39 -3.85
C VAL A 40 2.81 -10.90 -4.04
N ARG A 41 1.76 -11.63 -3.77
CA ARG A 41 1.81 -13.11 -3.92
C ARG A 41 1.09 -13.53 -5.20
N ASP A 42 1.83 -13.87 -6.21
CA ASP A 42 1.22 -14.30 -7.50
C ASP A 42 0.22 -13.26 -7.99
N GLY A 43 0.54 -12.02 -7.84
CA GLY A 43 -0.38 -10.94 -8.29
C GLY A 43 -1.40 -10.64 -7.19
N ILE A 44 -1.22 -11.21 -6.03
CA ILE A 44 -2.16 -10.96 -4.90
C ILE A 44 -1.46 -10.15 -3.80
N PRO A 45 -1.69 -8.86 -3.75
CA PRO A 45 -1.09 -7.97 -2.72
C PRO A 45 -1.37 -8.46 -1.31
N VAL A 46 -0.41 -8.37 -0.44
CA VAL A 46 -0.60 -8.84 0.95
C VAL A 46 -0.95 -7.65 1.85
N LEU A 47 -2.09 -7.70 2.47
CA LEU A 47 -2.52 -6.59 3.38
C LEU A 47 -2.33 -7.04 4.83
N LEU A 48 -1.30 -7.82 5.09
CA LEU A 48 -1.03 -8.30 6.48
C LEU A 48 0.21 -7.60 7.04
N VAL A 49 0.08 -7.05 8.20
CA VAL A 49 1.21 -6.34 8.85
C VAL A 49 2.32 -7.35 9.19
N ASP A 50 1.92 -8.51 9.66
CA ASP A 50 2.93 -9.54 10.03
C ASP A 50 3.80 -9.91 8.82
N GLU A 51 3.20 -9.99 7.66
CA GLU A 51 3.99 -10.34 6.44
C GLU A 51 4.53 -9.04 5.81
N ALA A 52 4.08 -7.92 6.29
CA ALA A 52 4.55 -6.62 5.71
C ALA A 52 6.03 -6.41 6.04
N ARG A 53 6.75 -5.79 5.14
CA ARG A 53 8.21 -5.55 5.37
C ARG A 53 8.44 -4.09 5.76
N ARG A 54 9.28 -3.88 6.74
CA ARG A 54 9.56 -2.50 7.20
C ARG A 54 10.82 -1.98 6.49
N PRO A 55 10.98 -0.69 6.40
CA PRO A 55 12.16 -0.07 5.74
C PRO A 55 13.48 -0.69 6.21
N GLU A 56 14.37 -0.93 5.27
CA GLU A 56 15.70 -1.54 5.61
C GLU A 56 15.50 -2.69 6.60
N MET A 1 -27.52 11.41 -0.75
CA MET A 1 -27.07 10.74 -2.00
C MET A 1 -25.55 10.61 -2.00
N PRO A 2 -25.01 10.00 -0.97
CA PRO A 2 -23.54 9.80 -0.84
C PRO A 2 -22.98 8.88 -1.94
N LEU A 3 -21.77 9.12 -2.33
CA LEU A 3 -21.14 8.31 -3.41
C LEU A 3 -20.42 7.10 -2.79
N GLU A 4 -20.30 6.03 -3.53
CA GLU A 4 -19.62 4.82 -3.01
C GLU A 4 -18.10 4.98 -3.22
N ALA A 5 -17.65 6.18 -3.47
CA ALA A 5 -16.20 6.40 -3.71
C ALA A 5 -15.40 6.01 -2.46
N GLY A 6 -14.27 5.38 -2.64
CA GLY A 6 -13.43 4.96 -1.49
C GLY A 6 -12.54 3.79 -1.88
N LEU A 7 -11.25 3.94 -1.73
CA LEU A 7 -10.32 2.84 -2.10
C LEU A 7 -10.56 2.40 -3.54
N LEU A 8 -11.44 3.08 -4.23
CA LEU A 8 -11.72 2.69 -5.64
C LEU A 8 -10.45 2.89 -6.49
N GLU A 9 -9.79 4.00 -6.32
CA GLU A 9 -8.53 4.28 -7.11
C GLU A 9 -7.33 4.41 -6.16
N ILE A 10 -7.43 5.24 -5.17
CA ILE A 10 -6.28 5.41 -4.24
C ILE A 10 -6.25 4.25 -3.25
N LEU A 11 -5.15 3.54 -3.22
CA LEU A 11 -5.03 2.38 -2.29
C LEU A 11 -4.67 2.88 -0.89
N ALA A 12 -5.04 2.12 0.12
CA ALA A 12 -4.72 2.54 1.52
C ALA A 12 -4.24 1.31 2.30
N CYS A 13 -3.27 1.50 3.15
CA CYS A 13 -2.73 0.34 3.93
C CYS A 13 -3.70 -0.01 5.07
N PRO A 14 -3.47 -1.12 5.74
CA PRO A 14 -4.32 -1.56 6.88
C PRO A 14 -3.95 -0.83 8.17
N ALA A 15 -2.99 -1.33 8.89
CA ALA A 15 -2.57 -0.68 10.17
C ALA A 15 -1.97 0.71 9.89
N CYS A 16 -1.11 0.80 8.92
CA CYS A 16 -0.48 2.11 8.59
C CYS A 16 -1.31 2.78 7.49
N HIS A 17 -2.59 2.93 7.71
CA HIS A 17 -3.48 3.57 6.69
C HIS A 17 -2.79 4.76 6.04
N ALA A 18 -2.41 4.62 4.80
CA ALA A 18 -1.76 5.75 4.10
C ALA A 18 -1.56 5.37 2.61
N PRO A 19 -1.04 6.28 1.83
CA PRO A 19 -0.78 6.05 0.37
C PRO A 19 0.35 5.02 0.13
N LEU A 20 0.25 4.27 -0.94
CA LEU A 20 1.29 3.25 -1.27
C LEU A 20 1.68 3.37 -2.74
N GLU A 21 2.88 3.01 -3.07
CA GLU A 21 3.33 3.09 -4.50
C GLU A 21 3.79 1.72 -4.97
N GLU A 22 3.37 1.32 -6.14
CA GLU A 22 3.75 -0.01 -6.68
C GLU A 22 5.12 0.08 -7.33
N ARG A 23 6.04 -0.76 -6.94
CA ARG A 23 7.39 -0.72 -7.56
C ARG A 23 8.21 -1.92 -7.08
N ASP A 24 9.21 -2.31 -7.83
CA ASP A 24 10.05 -3.47 -7.44
C ASP A 24 9.15 -4.69 -7.25
N ALA A 25 8.01 -4.71 -7.88
CA ALA A 25 7.08 -5.87 -7.73
C ALA A 25 6.43 -5.87 -6.35
N GLU A 26 6.52 -4.77 -5.64
CA GLU A 26 5.91 -4.71 -4.27
C GLU A 26 5.30 -3.32 -4.06
N LEU A 27 4.47 -3.19 -3.05
CA LEU A 27 3.83 -1.86 -2.78
C LEU A 27 4.58 -1.20 -1.63
N ILE A 28 5.14 -0.04 -1.89
CA ILE A 28 5.91 0.66 -0.82
C ILE A 28 5.00 1.72 -0.19
N CYS A 29 4.96 1.75 1.12
CA CYS A 29 4.09 2.73 1.82
C CYS A 29 4.73 4.12 1.74
N THR A 30 3.94 5.15 1.60
CA THR A 30 4.53 6.53 1.54
C THR A 30 3.55 7.52 2.19
N GLY A 31 3.86 7.99 3.37
CA GLY A 31 2.94 8.96 4.04
C GLY A 31 3.67 9.64 5.20
N GLN A 32 2.93 10.23 6.11
CA GLN A 32 3.56 10.93 7.26
C GLN A 32 4.34 9.91 8.12
N ASP A 33 3.69 8.86 8.54
CA ASP A 33 4.37 7.82 9.39
C ASP A 33 4.47 6.53 8.59
N CYS A 34 4.11 6.57 7.33
CA CYS A 34 4.15 5.34 6.49
C CYS A 34 5.56 5.16 5.90
N GLY A 35 5.83 3.98 5.41
CA GLY A 35 7.17 3.70 4.80
C GLY A 35 7.34 2.19 4.65
N LEU A 36 6.57 1.42 5.38
CA LEU A 36 6.67 -0.07 5.29
C LEU A 36 6.53 -0.52 3.83
N ALA A 37 6.64 -1.81 3.61
CA ALA A 37 6.52 -2.35 2.23
C ALA A 37 5.66 -3.61 2.24
N TYR A 38 4.80 -3.75 1.26
CA TYR A 38 3.91 -4.97 1.20
C TYR A 38 4.15 -5.70 -0.13
N PRO A 39 4.57 -6.96 -0.10
CA PRO A 39 4.83 -7.74 -1.34
C PRO A 39 3.53 -8.23 -2.00
N VAL A 40 3.60 -8.66 -3.23
CA VAL A 40 2.38 -9.15 -3.94
C VAL A 40 2.47 -10.67 -4.08
N ARG A 41 1.42 -11.37 -3.75
CA ARG A 41 1.46 -12.87 -3.85
C ARG A 41 0.66 -13.31 -5.09
N ASP A 42 1.34 -13.77 -6.11
CA ASP A 42 0.64 -14.24 -7.34
C ASP A 42 -0.31 -13.15 -7.85
N GLY A 43 0.08 -11.91 -7.76
CA GLY A 43 -0.80 -10.81 -8.25
C GLY A 43 -1.77 -10.39 -7.15
N ILE A 44 -1.64 -10.96 -5.98
CA ILE A 44 -2.56 -10.61 -4.86
C ILE A 44 -1.79 -9.78 -3.80
N PRO A 45 -2.01 -8.49 -3.75
CA PRO A 45 -1.31 -7.60 -2.76
C PRO A 45 -1.47 -8.11 -1.32
N VAL A 46 -0.43 -8.00 -0.53
CA VAL A 46 -0.51 -8.46 0.89
C VAL A 46 -0.87 -7.29 1.80
N LEU A 47 -1.83 -7.47 2.66
CA LEU A 47 -2.26 -6.38 3.59
C LEU A 47 -2.18 -6.89 5.03
N LEU A 48 -1.20 -7.72 5.32
CA LEU A 48 -1.05 -8.28 6.70
C LEU A 48 0.14 -7.60 7.39
N VAL A 49 -0.08 -7.14 8.60
CA VAL A 49 1.01 -6.46 9.34
C VAL A 49 2.16 -7.44 9.63
N ASP A 50 1.82 -8.64 10.02
CA ASP A 50 2.87 -9.65 10.34
C ASP A 50 3.71 -9.94 9.09
N GLU A 51 3.09 -10.00 7.94
CA GLU A 51 3.86 -10.30 6.70
C GLU A 51 4.40 -8.99 6.10
N ALA A 52 4.01 -7.88 6.67
CA ALA A 52 4.48 -6.56 6.14
C ALA A 52 6.01 -6.51 6.21
N ARG A 53 6.64 -5.87 5.26
CA ARG A 53 8.14 -5.78 5.25
C ARG A 53 8.56 -4.35 5.55
N ARG A 54 9.79 -4.17 5.96
CA ARG A 54 10.31 -2.81 6.30
C ARG A 54 10.91 -2.16 5.04
N PRO A 55 11.37 -0.93 5.15
CA PRO A 55 11.98 -0.19 4.00
C PRO A 55 13.22 -0.90 3.45
N GLU A 56 13.42 -0.84 2.16
CA GLU A 56 14.61 -1.51 1.55
C GLU A 56 15.86 -1.16 2.36
N MET A 1 -7.01 9.75 -19.27
CA MET A 1 -8.16 8.80 -19.40
C MET A 1 -8.66 8.45 -18.00
N PRO A 2 -8.99 9.45 -17.20
CA PRO A 2 -9.49 9.24 -15.82
C PRO A 2 -10.87 8.60 -15.79
N LEU A 3 -11.12 7.78 -14.81
CA LEU A 3 -12.44 7.09 -14.70
C LEU A 3 -13.32 7.84 -13.71
N GLU A 4 -14.52 8.14 -14.12
CA GLU A 4 -15.49 8.86 -13.26
C GLU A 4 -14.84 10.12 -12.70
N ALA A 5 -15.20 11.25 -13.24
CA ALA A 5 -14.63 12.54 -12.77
C ALA A 5 -15.04 12.80 -11.32
N GLY A 6 -14.15 13.34 -10.56
CA GLY A 6 -14.46 13.64 -9.14
C GLY A 6 -13.19 14.08 -8.40
N LEU A 7 -13.26 14.16 -7.11
CA LEU A 7 -12.10 14.57 -6.28
C LEU A 7 -11.13 13.40 -6.16
N LEU A 8 -11.46 12.28 -6.73
CA LEU A 8 -10.59 11.07 -6.64
C LEU A 8 -10.03 10.93 -5.23
N GLU A 9 -10.71 10.21 -4.40
CA GLU A 9 -10.25 10.01 -3.00
C GLU A 9 -8.92 9.26 -3.00
N ILE A 10 -8.02 9.69 -2.17
CA ILE A 10 -6.68 9.04 -2.08
C ILE A 10 -6.77 7.73 -1.30
N LEU A 11 -5.93 6.81 -1.62
CA LEU A 11 -5.92 5.49 -0.92
C LEU A 11 -5.36 5.65 0.49
N ALA A 12 -5.81 4.81 1.39
CA ALA A 12 -5.33 4.87 2.80
C ALA A 12 -4.88 3.49 3.25
N CYS A 13 -3.68 3.43 3.74
CA CYS A 13 -3.12 2.14 4.21
C CYS A 13 -3.99 1.58 5.35
N PRO A 14 -3.89 0.30 5.60
CA PRO A 14 -4.67 -0.36 6.68
C PRO A 14 -4.18 0.07 8.06
N ALA A 15 -3.10 -0.50 8.51
CA ALA A 15 -2.56 -0.14 9.85
C ALA A 15 -2.28 1.34 9.90
N CYS A 16 -1.64 1.87 8.89
CA CYS A 16 -1.32 3.33 8.86
C CYS A 16 -2.25 4.02 7.88
N HIS A 17 -2.31 5.32 7.96
CA HIS A 17 -3.20 6.11 7.05
C HIS A 17 -2.36 7.02 6.16
N ALA A 18 -2.25 6.64 4.91
CA ALA A 18 -1.48 7.45 3.95
C ALA A 18 -1.59 6.83 2.55
N PRO A 19 -1.01 7.47 1.57
CA PRO A 19 -1.04 7.00 0.15
C PRO A 19 -0.20 5.73 -0.07
N LEU A 20 -0.53 4.99 -1.08
CA LEU A 20 0.25 3.75 -1.40
C LEU A 20 0.95 3.91 -2.74
N GLU A 21 2.17 3.45 -2.82
CA GLU A 21 2.96 3.56 -4.07
C GLU A 21 3.16 2.17 -4.68
N GLU A 22 2.80 2.04 -5.92
CA GLU A 22 2.92 0.74 -6.61
C GLU A 22 4.35 0.50 -7.06
N ARG A 23 4.80 -0.72 -6.96
CA ARG A 23 6.19 -1.05 -7.37
C ARG A 23 6.23 -2.44 -8.00
N ASP A 24 7.28 -2.71 -8.74
CA ASP A 24 7.42 -4.01 -9.42
C ASP A 24 7.00 -5.16 -8.51
N ALA A 25 5.96 -5.85 -8.90
CA ALA A 25 5.46 -7.01 -8.10
C ALA A 25 5.58 -6.70 -6.61
N GLU A 26 5.38 -5.46 -6.25
CA GLU A 26 5.47 -5.07 -4.82
C GLU A 26 4.73 -3.75 -4.59
N LEU A 27 4.34 -3.52 -3.37
CA LEU A 27 3.63 -2.25 -3.02
C LEU A 27 4.33 -1.57 -1.86
N ILE A 28 4.66 -0.31 -2.03
CA ILE A 28 5.37 0.44 -0.95
C ILE A 28 4.40 1.43 -0.31
N CYS A 29 4.28 1.36 1.00
CA CYS A 29 3.35 2.27 1.73
C CYS A 29 3.94 3.67 1.78
N THR A 30 3.25 4.63 1.23
CA THR A 30 3.75 6.02 1.22
C THR A 30 3.46 6.69 2.55
N GLY A 31 4.02 7.85 2.73
CA GLY A 31 3.79 8.62 3.99
C GLY A 31 4.99 8.47 4.91
N GLN A 32 5.26 9.48 5.69
CA GLN A 32 6.41 9.44 6.64
C GLN A 32 6.08 8.51 7.79
N ASP A 33 4.85 8.49 8.21
CA ASP A 33 4.45 7.62 9.36
C ASP A 33 4.32 6.17 8.86
N CYS A 34 4.47 5.97 7.59
CA CYS A 34 4.35 4.59 7.02
C CYS A 34 5.75 4.04 6.74
N GLY A 35 6.02 3.74 5.49
CA GLY A 35 7.36 3.20 5.11
C GLY A 35 7.26 1.68 4.99
N LEU A 36 6.15 1.12 5.36
CA LEU A 36 5.97 -0.35 5.28
C LEU A 36 5.92 -0.80 3.83
N ALA A 37 6.38 -2.00 3.58
CA ALA A 37 6.38 -2.54 2.18
C ALA A 37 5.63 -3.86 2.14
N TYR A 38 4.95 -4.10 1.05
CA TYR A 38 4.17 -5.36 0.91
C TYR A 38 4.51 -6.03 -0.45
N PRO A 39 5.10 -7.20 -0.43
CA PRO A 39 5.48 -7.93 -1.67
C PRO A 39 4.27 -8.63 -2.30
N VAL A 40 4.40 -9.03 -3.53
CA VAL A 40 3.28 -9.71 -4.23
C VAL A 40 3.54 -11.21 -4.28
N ARG A 41 2.56 -11.99 -3.93
CA ARG A 41 2.70 -13.47 -3.94
C ARG A 41 1.64 -14.08 -4.86
N ASP A 42 2.06 -14.93 -5.75
CA ASP A 42 1.12 -15.58 -6.70
C ASP A 42 0.36 -14.51 -7.48
N GLY A 43 0.99 -13.39 -7.70
CA GLY A 43 0.34 -12.30 -8.47
C GLY A 43 -0.65 -11.57 -7.58
N ILE A 44 -0.70 -11.92 -6.31
CA ILE A 44 -1.65 -11.28 -5.38
C ILE A 44 -0.87 -10.48 -4.32
N PRO A 45 -1.24 -9.23 -4.10
CA PRO A 45 -0.57 -8.35 -3.11
C PRO A 45 -0.88 -8.77 -1.68
N VAL A 46 0.09 -8.70 -0.81
CA VAL A 46 -0.13 -9.09 0.61
C VAL A 46 -0.59 -7.87 1.41
N LEU A 47 -1.68 -8.03 2.12
CA LEU A 47 -2.21 -6.91 2.96
C LEU A 47 -2.20 -7.33 4.42
N LEU A 48 -1.27 -8.16 4.79
CA LEU A 48 -1.18 -8.62 6.21
C LEU A 48 -0.07 -7.84 6.93
N VAL A 49 -0.41 -7.33 8.08
CA VAL A 49 0.57 -6.54 8.87
C VAL A 49 1.73 -7.44 9.31
N ASP A 50 1.41 -8.63 9.75
CA ASP A 50 2.49 -9.56 10.22
C ASP A 50 3.38 -9.94 9.04
N GLU A 51 2.92 -9.71 7.84
CA GLU A 51 3.75 -10.04 6.64
C GLU A 51 4.38 -8.77 6.10
N ALA A 52 3.92 -7.63 6.56
CA ALA A 52 4.47 -6.33 6.07
C ALA A 52 5.97 -6.28 6.30
N ARG A 53 6.68 -5.69 5.38
CA ARG A 53 8.18 -5.60 5.51
C ARG A 53 8.57 -4.18 5.87
N ARG A 54 9.61 -4.04 6.63
CA ARG A 54 10.08 -2.69 7.05
C ARG A 54 10.94 -2.07 5.96
N PRO A 55 10.97 -0.77 5.89
CA PRO A 55 11.76 -0.03 4.88
C PRO A 55 13.27 -0.15 5.11
N GLU A 56 14.03 -0.10 4.06
CA GLU A 56 15.52 -0.20 4.19
C GLU A 56 16.19 0.48 2.99
N MET A 1 -12.35 20.55 -16.95
CA MET A 1 -12.98 21.29 -15.81
C MET A 1 -12.93 20.42 -14.57
N PRO A 2 -11.76 20.23 -14.00
CA PRO A 2 -11.57 19.40 -12.78
C PRO A 2 -12.43 19.88 -11.62
N LEU A 3 -12.99 18.96 -10.87
CA LEU A 3 -13.85 19.34 -9.71
C LEU A 3 -13.12 19.02 -8.41
N GLU A 4 -12.95 20.01 -7.57
CA GLU A 4 -12.25 19.78 -6.27
C GLU A 4 -13.28 19.45 -5.19
N ALA A 5 -13.11 18.34 -4.53
CA ALA A 5 -14.07 17.96 -3.46
C ALA A 5 -13.53 16.74 -2.71
N GLY A 6 -13.52 16.81 -1.41
CA GLY A 6 -13.00 15.67 -0.60
C GLY A 6 -13.98 14.50 -0.67
N LEU A 7 -14.99 14.62 -1.50
CA LEU A 7 -15.99 13.52 -1.63
C LEU A 7 -15.44 12.47 -2.60
N LEU A 8 -14.37 12.76 -3.27
CA LEU A 8 -13.79 11.80 -4.24
C LEU A 8 -13.15 10.63 -3.50
N GLU A 9 -13.20 9.47 -4.09
CA GLU A 9 -12.60 8.27 -3.45
C GLU A 9 -11.13 8.51 -3.17
N ILE A 10 -10.66 8.08 -2.02
CA ILE A 10 -9.23 8.27 -1.66
C ILE A 10 -8.67 6.97 -1.06
N LEU A 11 -7.53 6.56 -1.52
CA LEU A 11 -6.91 5.31 -1.01
C LEU A 11 -6.41 5.53 0.42
N ALA A 12 -6.44 4.49 1.22
CA ALA A 12 -5.97 4.62 2.63
C ALA A 12 -5.15 3.39 3.01
N CYS A 13 -4.02 3.59 3.62
CA CYS A 13 -3.17 2.43 4.03
C CYS A 13 -3.53 1.98 5.45
N PRO A 14 -3.30 0.72 5.74
CA PRO A 14 -3.60 0.15 7.10
C PRO A 14 -2.72 0.77 8.18
N ALA A 15 -3.28 0.99 9.34
CA ALA A 15 -2.50 1.60 10.45
C ALA A 15 -2.22 3.07 10.14
N CYS A 16 -2.45 3.48 8.91
CA CYS A 16 -2.20 4.90 8.52
C CYS A 16 -3.36 5.40 7.67
N HIS A 17 -3.19 6.53 7.04
CA HIS A 17 -4.27 7.09 6.19
C HIS A 17 -3.66 7.72 4.93
N ALA A 18 -2.50 7.26 4.55
CA ALA A 18 -1.83 7.81 3.33
C ALA A 18 -2.07 6.87 2.13
N PRO A 19 -1.69 7.30 0.96
CA PRO A 19 -1.83 6.47 -0.27
C PRO A 19 -0.73 5.39 -0.39
N LEU A 20 -0.82 4.60 -1.43
CA LEU A 20 0.17 3.50 -1.65
C LEU A 20 0.97 3.79 -2.91
N GLU A 21 2.23 3.43 -2.89
CA GLU A 21 3.11 3.65 -4.08
C GLU A 21 3.48 2.30 -4.68
N GLU A 22 2.97 2.04 -5.86
CA GLU A 22 3.24 0.75 -6.53
C GLU A 22 4.66 0.74 -7.08
N ARG A 23 5.40 -0.31 -6.84
CA ARG A 23 6.79 -0.39 -7.37
C ARG A 23 7.08 -1.82 -7.81
N ASP A 24 7.49 -1.98 -9.04
CA ASP A 24 7.80 -3.34 -9.57
C ASP A 24 6.68 -4.32 -9.21
N ALA A 25 6.99 -5.27 -8.34
CA ALA A 25 5.97 -6.28 -7.93
C ALA A 25 5.67 -6.11 -6.44
N GLU A 26 5.69 -4.89 -5.96
CA GLU A 26 5.39 -4.66 -4.52
C GLU A 26 4.80 -3.26 -4.32
N LEU A 27 4.06 -3.08 -3.27
CA LEU A 27 3.44 -1.73 -3.00
C LEU A 27 4.06 -1.15 -1.74
N ILE A 28 4.47 0.08 -1.80
CA ILE A 28 5.11 0.73 -0.62
C ILE A 28 4.12 1.70 0.03
N CYS A 29 3.96 1.59 1.32
CA CYS A 29 3.03 2.49 2.04
C CYS A 29 3.52 3.93 1.91
N THR A 30 2.77 4.78 1.23
CA THR A 30 3.23 6.17 1.04
C THR A 30 3.22 6.92 2.37
N GLY A 31 4.17 7.78 2.55
CA GLY A 31 4.26 8.59 3.80
C GLY A 31 5.54 8.26 4.56
N GLN A 32 6.10 9.24 5.21
CA GLN A 32 7.35 9.04 5.98
C GLN A 32 7.07 8.09 7.16
N ASP A 33 5.95 8.28 7.80
CA ASP A 33 5.59 7.40 8.95
C ASP A 33 4.87 6.16 8.43
N CYS A 34 4.67 6.08 7.14
CA CYS A 34 3.99 4.91 6.54
C CYS A 34 5.04 3.85 6.20
N GLY A 35 5.74 4.03 5.10
CA GLY A 35 6.79 3.05 4.72
C GLY A 35 6.15 1.69 4.43
N LEU A 36 6.09 0.82 5.42
CA LEU A 36 5.47 -0.54 5.26
C LEU A 36 5.51 -1.01 3.81
N ALA A 37 6.32 -2.01 3.53
CA ALA A 37 6.42 -2.53 2.15
C ALA A 37 5.58 -3.80 2.02
N TYR A 38 4.66 -3.78 1.08
CA TYR A 38 3.78 -4.95 0.86
C TYR A 38 4.19 -5.66 -0.44
N PRO A 39 4.85 -6.78 -0.36
CA PRO A 39 5.29 -7.54 -1.57
C PRO A 39 4.15 -8.35 -2.20
N VAL A 40 4.30 -8.72 -3.44
CA VAL A 40 3.23 -9.50 -4.13
C VAL A 40 3.61 -10.98 -4.13
N ARG A 41 2.69 -11.83 -3.73
CA ARG A 41 2.98 -13.30 -3.71
C ARG A 41 1.96 -14.03 -4.59
N ASP A 42 2.45 -14.84 -5.50
CA ASP A 42 1.55 -15.59 -6.40
C ASP A 42 0.66 -14.61 -7.17
N GLY A 43 1.13 -13.41 -7.36
CA GLY A 43 0.33 -12.40 -8.11
C GLY A 43 -0.68 -11.76 -7.18
N ILE A 44 -0.63 -12.08 -5.90
CA ILE A 44 -1.59 -11.48 -4.93
C ILE A 44 -0.84 -10.55 -3.96
N PRO A 45 -1.32 -9.33 -3.77
CA PRO A 45 -0.67 -8.35 -2.85
C PRO A 45 -0.84 -8.73 -1.37
N VAL A 46 0.17 -8.50 -0.57
CA VAL A 46 0.07 -8.83 0.87
C VAL A 46 -0.51 -7.66 1.64
N LEU A 47 -1.71 -7.83 2.16
CA LEU A 47 -2.37 -6.73 2.93
C LEU A 47 -2.25 -7.04 4.43
N LEU A 48 -1.34 -7.90 4.79
CA LEU A 48 -1.17 -8.26 6.23
C LEU A 48 0.12 -7.64 6.75
N VAL A 49 0.03 -6.95 7.86
CA VAL A 49 1.23 -6.30 8.46
C VAL A 49 2.23 -7.38 8.89
N ASP A 50 1.75 -8.44 9.46
CA ASP A 50 2.66 -9.52 9.92
C ASP A 50 3.51 -10.03 8.75
N GLU A 51 2.91 -10.21 7.60
CA GLU A 51 3.67 -10.71 6.43
C GLU A 51 4.26 -9.52 5.66
N ALA A 52 3.94 -8.33 6.08
CA ALA A 52 4.47 -7.12 5.38
C ALA A 52 5.94 -6.93 5.71
N ARG A 53 6.68 -6.25 4.86
CA ARG A 53 8.13 -6.03 5.12
C ARG A 53 8.36 -4.62 5.64
N ARG A 54 9.21 -4.48 6.61
CA ARG A 54 9.49 -3.14 7.19
C ARG A 54 10.65 -2.48 6.42
N PRO A 55 10.72 -1.18 6.41
CA PRO A 55 11.81 -0.43 5.72
C PRO A 55 13.20 -1.02 6.00
N GLU A 56 14.03 -1.08 4.99
CA GLU A 56 15.41 -1.64 5.15
C GLU A 56 16.12 -0.92 6.30
N MET A 1 -17.52 -9.50 -7.98
CA MET A 1 -16.48 -10.49 -8.41
C MET A 1 -15.35 -9.74 -9.14
N PRO A 2 -15.67 -9.12 -10.25
CA PRO A 2 -14.65 -8.37 -11.06
C PRO A 2 -14.02 -7.22 -10.26
N LEU A 3 -12.77 -6.95 -10.52
CA LEU A 3 -12.07 -5.86 -9.79
C LEU A 3 -12.50 -4.51 -10.36
N GLU A 4 -12.56 -3.52 -9.51
CA GLU A 4 -12.96 -2.16 -9.97
C GLU A 4 -11.89 -1.57 -10.88
N ALA A 5 -12.29 -1.11 -12.04
CA ALA A 5 -11.32 -0.49 -12.99
C ALA A 5 -11.11 0.97 -12.62
N GLY A 6 -11.90 1.48 -11.70
CA GLY A 6 -11.74 2.91 -11.31
C GLY A 6 -12.21 3.12 -9.88
N LEU A 7 -12.97 4.15 -9.65
CA LEU A 7 -13.48 4.44 -8.27
C LEU A 7 -12.31 4.56 -7.29
N LEU A 8 -12.07 5.75 -6.81
CA LEU A 8 -10.95 5.98 -5.84
C LEU A 8 -9.69 5.28 -6.34
N GLU A 9 -8.80 6.02 -6.93
CA GLU A 9 -7.54 5.42 -7.45
C GLU A 9 -6.51 5.42 -6.32
N ILE A 10 -6.77 6.14 -5.25
CA ILE A 10 -5.80 6.19 -4.13
C ILE A 10 -6.04 5.02 -3.19
N LEU A 11 -5.01 4.27 -2.89
CA LEU A 11 -5.16 3.09 -1.98
C LEU A 11 -4.52 3.43 -0.64
N ALA A 12 -5.24 3.19 0.43
CA ALA A 12 -4.72 3.48 1.78
C ALA A 12 -4.06 2.24 2.37
N CYS A 13 -3.20 2.43 3.32
CA CYS A 13 -2.49 1.27 3.90
C CYS A 13 -3.47 0.37 4.69
N PRO A 14 -3.16 -0.91 4.82
CA PRO A 14 -4.01 -1.86 5.60
C PRO A 14 -4.27 -1.35 7.04
N ALA A 15 -3.24 -0.89 7.70
CA ALA A 15 -3.39 -0.39 9.11
C ALA A 15 -3.13 1.12 9.14
N CYS A 16 -1.94 1.53 8.78
CA CYS A 16 -1.62 2.99 8.82
C CYS A 16 -2.54 3.74 7.86
N HIS A 17 -2.63 5.04 8.04
CA HIS A 17 -3.51 5.87 7.15
C HIS A 17 -2.65 6.69 6.20
N ALA A 18 -2.56 6.29 4.97
CA ALA A 18 -1.75 7.06 3.99
C ALA A 18 -1.75 6.33 2.64
N PRO A 19 -1.49 7.04 1.58
CA PRO A 19 -1.44 6.44 0.20
C PRO A 19 -0.31 5.42 0.04
N LEU A 20 -0.48 4.50 -0.87
CA LEU A 20 0.56 3.45 -1.11
C LEU A 20 1.30 3.73 -2.40
N GLU A 21 2.55 3.36 -2.45
CA GLU A 21 3.37 3.59 -3.67
C GLU A 21 3.58 2.25 -4.38
N GLU A 22 3.25 2.22 -5.65
CA GLU A 22 3.39 0.98 -6.46
C GLU A 22 4.85 0.73 -6.79
N ARG A 23 5.33 -0.46 -6.56
CA ARG A 23 6.75 -0.78 -6.88
C ARG A 23 6.85 -2.17 -7.51
N ASP A 24 7.97 -2.47 -8.09
CA ASP A 24 8.18 -3.78 -8.76
C ASP A 24 7.55 -4.90 -7.93
N ALA A 25 6.41 -5.38 -8.37
CA ALA A 25 5.70 -6.46 -7.65
C ALA A 25 5.77 -6.23 -6.14
N GLU A 26 5.66 -4.99 -5.72
CA GLU A 26 5.72 -4.70 -4.26
C GLU A 26 5.04 -3.36 -3.99
N LEU A 27 4.54 -3.19 -2.79
CA LEU A 27 3.87 -1.91 -2.41
C LEU A 27 4.62 -1.25 -1.27
N ILE A 28 4.88 0.03 -1.39
CA ILE A 28 5.60 0.76 -0.29
C ILE A 28 4.71 1.85 0.28
N CYS A 29 4.51 1.84 1.57
CA CYS A 29 3.63 2.88 2.19
C CYS A 29 4.17 4.27 1.85
N THR A 30 3.32 5.14 1.37
CA THR A 30 3.78 6.51 1.02
C THR A 30 3.35 7.47 2.14
N GLY A 31 3.25 6.98 3.35
CA GLY A 31 2.82 7.86 4.48
C GLY A 31 4.03 8.35 5.26
N GLN A 32 3.98 9.55 5.74
CA GLN A 32 5.11 10.10 6.53
C GLN A 32 5.21 9.36 7.86
N ASP A 33 4.10 8.95 8.40
CA ASP A 33 4.12 8.21 9.70
C ASP A 33 4.14 6.71 9.43
N CYS A 34 4.07 6.32 8.18
CA CYS A 34 4.09 4.87 7.84
C CYS A 34 4.85 4.66 6.53
N GLY A 35 5.82 3.77 6.54
CA GLY A 35 6.62 3.49 5.31
C GLY A 35 6.81 1.98 5.20
N LEU A 36 5.89 1.22 5.72
CA LEU A 36 6.02 -0.27 5.65
C LEU A 36 5.93 -0.73 4.21
N ALA A 37 6.45 -1.90 3.92
CA ALA A 37 6.42 -2.42 2.52
C ALA A 37 5.72 -3.77 2.50
N TYR A 38 4.93 -4.00 1.46
CA TYR A 38 4.20 -5.29 1.33
C TYR A 38 4.53 -5.94 -0.03
N PRO A 39 5.05 -7.16 -0.05
CA PRO A 39 5.39 -7.86 -1.32
C PRO A 39 4.16 -8.43 -2.03
N VAL A 40 4.28 -8.72 -3.29
CA VAL A 40 3.13 -9.28 -4.06
C VAL A 40 3.24 -10.79 -4.09
N ARG A 41 2.16 -11.49 -3.80
CA ARG A 41 2.19 -12.98 -3.81
C ARG A 41 0.94 -13.53 -4.49
N ASP A 42 1.07 -14.64 -5.16
CA ASP A 42 -0.10 -15.25 -5.85
C ASP A 42 -0.71 -14.24 -6.82
N GLY A 43 0.07 -13.33 -7.30
CA GLY A 43 -0.47 -12.32 -8.26
C GLY A 43 -1.30 -11.29 -7.52
N ILE A 44 -1.31 -11.34 -6.21
CA ILE A 44 -2.10 -10.35 -5.41
C ILE A 44 -1.23 -9.74 -4.30
N PRO A 45 -1.49 -8.51 -3.93
CA PRO A 45 -0.73 -7.80 -2.86
C PRO A 45 -0.99 -8.38 -1.48
N VAL A 46 0.02 -8.44 -0.64
CA VAL A 46 -0.16 -8.98 0.73
C VAL A 46 -0.59 -7.84 1.65
N LEU A 47 -1.86 -7.66 1.83
CA LEU A 47 -2.36 -6.56 2.71
C LEU A 47 -2.31 -7.01 4.16
N LEU A 48 -1.25 -7.68 4.55
CA LEU A 48 -1.11 -8.15 5.96
C LEU A 48 0.11 -7.51 6.60
N VAL A 49 -0.10 -6.79 7.67
CA VAL A 49 1.04 -6.12 8.36
C VAL A 49 1.95 -7.19 8.96
N ASP A 50 1.40 -8.31 9.33
CA ASP A 50 2.22 -9.39 9.93
C ASP A 50 3.25 -9.89 8.91
N GLU A 51 2.85 -10.01 7.67
CA GLU A 51 3.79 -10.51 6.62
C GLU A 51 4.48 -9.31 5.97
N ALA A 52 4.07 -8.12 6.33
CA ALA A 52 4.70 -6.91 5.73
C ALA A 52 6.16 -6.81 6.14
N ARG A 53 6.96 -6.11 5.38
CA ARG A 53 8.42 -5.97 5.71
C ARG A 53 8.81 -4.50 5.68
N ARG A 54 9.99 -4.21 6.17
CA ARG A 54 10.46 -2.80 6.20
C ARG A 54 10.90 -2.37 4.79
N PRO A 55 10.83 -1.10 4.51
CA PRO A 55 11.24 -0.55 3.17
C PRO A 55 12.73 -0.74 2.89
N GLU A 56 13.08 -0.96 1.65
CA GLU A 56 14.50 -1.17 1.29
C GLU A 56 15.23 0.19 1.30
N MET A 1 -6.56 25.38 -14.74
CA MET A 1 -7.40 24.54 -15.64
C MET A 1 -8.10 23.44 -14.82
N PRO A 2 -9.23 22.98 -15.27
CA PRO A 2 -10.01 21.92 -14.56
C PRO A 2 -9.33 20.55 -14.63
N LEU A 3 -10.05 19.51 -14.30
CA LEU A 3 -9.49 18.14 -14.33
C LEU A 3 -8.27 18.07 -13.39
N GLU A 4 -8.39 18.68 -12.24
CA GLU A 4 -7.27 18.65 -11.26
C GLU A 4 -7.80 19.06 -9.89
N ALA A 5 -8.97 18.59 -9.54
CA ALA A 5 -9.56 18.95 -8.22
C ALA A 5 -8.82 18.17 -7.11
N GLY A 6 -8.00 17.22 -7.50
CA GLY A 6 -7.24 16.43 -6.49
C GLY A 6 -8.02 15.16 -6.14
N LEU A 7 -9.22 15.32 -5.69
CA LEU A 7 -10.07 14.14 -5.32
C LEU A 7 -9.37 13.32 -4.24
N LEU A 8 -10.15 12.73 -3.36
CA LEU A 8 -9.55 11.91 -2.28
C LEU A 8 -8.97 10.62 -2.85
N GLU A 9 -7.76 10.30 -2.45
CA GLU A 9 -7.12 9.06 -2.96
C GLU A 9 -7.95 7.83 -2.60
N ILE A 10 -8.08 6.92 -3.52
CA ILE A 10 -8.87 5.68 -3.25
C ILE A 10 -7.98 4.66 -2.55
N LEU A 11 -6.72 4.98 -2.39
CA LEU A 11 -5.78 4.03 -1.72
C LEU A 11 -5.55 4.48 -0.29
N ALA A 12 -5.72 3.59 0.65
CA ALA A 12 -5.51 3.95 2.08
C ALA A 12 -4.90 2.77 2.82
N CYS A 13 -3.89 3.02 3.62
CA CYS A 13 -3.22 1.92 4.36
C CYS A 13 -4.25 1.22 5.28
N PRO A 14 -4.01 0.00 5.65
CA PRO A 14 -4.91 -0.76 6.56
C PRO A 14 -4.86 -0.20 7.98
N ALA A 15 -3.96 0.71 8.24
CA ALA A 15 -3.86 1.31 9.61
C ALA A 15 -3.37 2.75 9.49
N CYS A 16 -2.36 2.97 8.72
CA CYS A 16 -1.81 4.34 8.56
C CYS A 16 -2.83 5.20 7.79
N HIS A 17 -3.67 4.57 7.01
CA HIS A 17 -4.67 5.34 6.20
C HIS A 17 -3.96 6.12 5.09
N ALA A 18 -2.72 6.46 5.29
CA ALA A 18 -1.98 7.23 4.26
C ALA A 18 -2.14 6.58 2.87
N PRO A 19 -1.52 7.12 1.87
CA PRO A 19 -1.58 6.58 0.49
C PRO A 19 -0.53 5.49 0.24
N LEU A 20 -0.72 4.72 -0.81
CA LEU A 20 0.24 3.62 -1.15
C LEU A 20 0.95 3.95 -2.45
N GLU A 21 2.16 3.47 -2.60
CA GLU A 21 2.93 3.73 -3.85
C GLU A 21 3.31 2.40 -4.50
N GLU A 22 3.11 2.29 -5.78
CA GLU A 22 3.44 1.04 -6.50
C GLU A 22 4.93 1.01 -6.83
N ARG A 23 5.61 -0.05 -6.47
CA ARG A 23 7.07 -0.14 -6.78
C ARG A 23 7.37 -1.51 -7.38
N ASP A 24 7.82 -1.53 -8.60
CA ASP A 24 8.15 -2.81 -9.28
C ASP A 24 6.98 -3.78 -9.16
N ALA A 25 7.14 -4.83 -8.39
CA ALA A 25 6.06 -5.84 -8.23
C ALA A 25 5.61 -5.84 -6.77
N GLU A 26 5.78 -4.73 -6.08
CA GLU A 26 5.36 -4.66 -4.66
C GLU A 26 4.75 -3.29 -4.36
N LEU A 27 4.01 -3.20 -3.28
CA LEU A 27 3.36 -1.90 -2.91
C LEU A 27 4.04 -1.34 -1.67
N ILE A 28 4.44 -0.09 -1.72
CA ILE A 28 5.12 0.54 -0.55
C ILE A 28 4.17 1.53 0.12
N CYS A 29 4.05 1.44 1.42
CA CYS A 29 3.13 2.36 2.13
C CYS A 29 3.71 3.79 2.08
N THR A 30 2.99 4.72 1.50
CA THR A 30 3.50 6.10 1.39
C THR A 30 3.07 6.89 2.63
N GLY A 31 3.68 8.01 2.84
CA GLY A 31 3.32 8.89 3.98
C GLY A 31 4.58 9.33 4.73
N GLN A 32 4.41 10.05 5.81
CA GLN A 32 5.59 10.52 6.59
C GLN A 32 6.24 9.35 7.31
N ASP A 33 5.49 8.66 8.13
CA ASP A 33 6.04 7.49 8.90
C ASP A 33 5.36 6.20 8.41
N CYS A 34 4.93 6.19 7.18
CA CYS A 34 4.27 4.97 6.63
C CYS A 34 5.34 3.94 6.27
N GLY A 35 5.97 4.09 5.14
CA GLY A 35 7.02 3.14 4.72
C GLY A 35 6.39 1.76 4.54
N LEU A 36 6.77 0.81 5.36
CA LEU A 36 6.20 -0.57 5.27
C LEU A 36 6.08 -1.03 3.82
N ALA A 37 6.73 -2.13 3.50
CA ALA A 37 6.67 -2.64 2.10
C ALA A 37 5.81 -3.90 2.06
N TYR A 38 4.92 -3.94 1.09
CA TYR A 38 4.01 -5.11 0.94
C TYR A 38 4.31 -5.82 -0.41
N PRO A 39 4.90 -6.99 -0.38
CA PRO A 39 5.22 -7.76 -1.61
C PRO A 39 4.01 -8.50 -2.17
N VAL A 40 4.07 -8.89 -3.42
CA VAL A 40 2.94 -9.62 -4.04
C VAL A 40 3.17 -11.11 -3.96
N ARG A 41 2.18 -11.85 -3.54
CA ARG A 41 2.35 -13.34 -3.42
C ARG A 41 1.60 -14.03 -4.56
N ASP A 42 2.32 -14.57 -5.50
CA ASP A 42 1.68 -15.27 -6.65
C ASP A 42 0.68 -14.34 -7.33
N GLY A 43 1.00 -13.08 -7.41
CA GLY A 43 0.08 -12.11 -8.06
C GLY A 43 -0.96 -11.64 -7.06
N ILE A 44 -0.83 -12.05 -5.82
CA ILE A 44 -1.82 -11.65 -4.78
C ILE A 44 -1.15 -10.67 -3.79
N PRO A 45 -1.46 -9.40 -3.86
CA PRO A 45 -0.89 -8.37 -2.94
C PRO A 45 -1.06 -8.75 -1.47
N VAL A 46 -0.02 -8.62 -0.69
CA VAL A 46 -0.13 -8.97 0.75
C VAL A 46 -0.58 -7.74 1.54
N LEU A 47 -1.85 -7.67 1.83
CA LEU A 47 -2.38 -6.49 2.60
C LEU A 47 -2.35 -6.82 4.09
N LEU A 48 -1.40 -7.61 4.52
CA LEU A 48 -1.30 -7.96 5.97
C LEU A 48 -0.06 -7.31 6.59
N VAL A 49 -0.26 -6.60 7.65
CA VAL A 49 0.88 -5.91 8.32
C VAL A 49 1.85 -6.96 8.87
N ASP A 50 1.33 -8.02 9.42
CA ASP A 50 2.21 -9.07 10.01
C ASP A 50 3.15 -9.63 8.93
N GLU A 51 2.68 -9.75 7.72
CA GLU A 51 3.55 -10.29 6.64
C GLU A 51 4.28 -9.12 5.95
N ALA A 52 3.91 -7.92 6.25
CA ALA A 52 4.56 -6.74 5.62
C ALA A 52 6.05 -6.74 5.96
N ARG A 53 6.88 -6.23 5.07
CA ARG A 53 8.35 -6.19 5.32
C ARG A 53 8.81 -4.75 5.50
N ARG A 54 9.68 -4.53 6.44
CA ARG A 54 10.18 -3.15 6.69
C ARG A 54 11.26 -2.80 5.65
N PRO A 55 11.50 -1.53 5.43
CA PRO A 55 12.55 -1.08 4.45
C PRO A 55 13.90 -1.78 4.67
N GLU A 56 14.54 -2.14 3.59
CA GLU A 56 15.86 -2.83 3.68
C GLU A 56 16.83 -1.99 4.53
N MET A 1 -17.19 12.25 -15.26
CA MET A 1 -16.50 11.43 -14.24
C MET A 1 -15.22 10.84 -14.84
N PRO A 2 -14.30 11.69 -15.21
CA PRO A 2 -13.00 11.25 -15.81
C PRO A 2 -12.07 10.67 -14.74
N LEU A 3 -12.47 10.76 -13.51
CA LEU A 3 -11.62 10.22 -12.41
C LEU A 3 -11.53 8.70 -12.51
N GLU A 4 -10.36 8.17 -12.34
CA GLU A 4 -10.17 6.70 -12.43
C GLU A 4 -11.00 5.99 -11.35
N ALA A 5 -11.70 4.97 -11.74
CA ALA A 5 -12.54 4.21 -10.76
C ALA A 5 -11.65 3.24 -9.98
N GLY A 6 -10.40 3.14 -10.36
CA GLY A 6 -9.46 2.22 -9.65
C GLY A 6 -9.67 2.29 -8.14
N LEU A 7 -9.95 1.17 -7.53
CA LEU A 7 -10.17 1.15 -6.06
C LEU A 7 -8.85 1.43 -5.35
N LEU A 8 -7.77 1.44 -6.08
CA LEU A 8 -6.45 1.69 -5.47
C LEU A 8 -6.40 3.12 -4.94
N GLU A 9 -7.10 4.02 -5.58
CA GLU A 9 -7.09 5.43 -5.12
C GLU A 9 -7.66 5.53 -3.71
N ILE A 10 -8.48 4.59 -3.33
CA ILE A 10 -9.07 4.61 -1.96
C ILE A 10 -8.44 3.52 -1.13
N LEU A 11 -7.16 3.29 -1.29
CA LEU A 11 -6.49 2.22 -0.50
C LEU A 11 -5.60 2.87 0.56
N ALA A 12 -5.87 2.59 1.81
CA ALA A 12 -5.04 3.16 2.91
C ALA A 12 -4.45 2.02 3.74
N CYS A 13 -3.18 2.09 3.99
CA CYS A 13 -2.51 1.01 4.78
C CYS A 13 -3.17 0.89 6.16
N PRO A 14 -3.81 -0.22 6.46
CA PRO A 14 -4.47 -0.43 7.79
C PRO A 14 -3.53 -0.10 8.95
N ALA A 15 -2.27 0.11 8.66
CA ALA A 15 -1.28 0.42 9.73
C ALA A 15 -1.00 1.91 9.78
N CYS A 16 -0.28 2.41 8.82
CA CYS A 16 0.06 3.87 8.79
C CYS A 16 -1.10 4.65 8.14
N HIS A 17 -1.99 3.95 7.49
CA HIS A 17 -3.14 4.64 6.84
C HIS A 17 -2.62 5.70 5.87
N ALA A 18 -2.37 5.31 4.65
CA ALA A 18 -1.88 6.28 3.66
C ALA A 18 -1.82 5.62 2.27
N PRO A 19 -1.60 6.40 1.23
CA PRO A 19 -1.52 5.89 -0.16
C PRO A 19 -0.39 4.87 -0.35
N LEU A 20 -0.53 4.00 -1.32
CA LEU A 20 0.50 2.96 -1.57
C LEU A 20 1.14 3.20 -2.94
N GLU A 21 2.39 2.84 -3.07
CA GLU A 21 3.11 3.03 -4.36
C GLU A 21 3.53 1.67 -4.90
N GLU A 22 3.31 1.45 -6.18
CA GLU A 22 3.68 0.15 -6.81
C GLU A 22 5.09 0.21 -7.38
N ARG A 23 5.94 -0.69 -6.96
CA ARG A 23 7.33 -0.72 -7.48
C ARG A 23 7.61 -2.08 -8.10
N ASP A 24 7.79 -2.11 -9.40
CA ASP A 24 8.06 -3.39 -10.11
C ASP A 24 6.99 -4.42 -9.78
N ALA A 25 7.18 -5.15 -8.71
CA ALA A 25 6.19 -6.19 -8.32
C ALA A 25 6.01 -6.16 -6.81
N GLU A 26 6.22 -5.01 -6.21
CA GLU A 26 6.08 -4.90 -4.72
C GLU A 26 5.35 -3.62 -4.37
N LEU A 27 4.70 -3.60 -3.22
CA LEU A 27 3.94 -2.40 -2.79
C LEU A 27 4.70 -1.67 -1.69
N ILE A 28 4.78 -0.37 -1.82
CA ILE A 28 5.50 0.46 -0.81
C ILE A 28 4.57 1.48 -0.19
N CYS A 29 4.54 1.53 1.12
CA CYS A 29 3.64 2.49 1.82
C CYS A 29 4.11 3.92 1.52
N THR A 30 3.22 4.74 1.03
CA THR A 30 3.58 6.15 0.70
C THR A 30 2.88 7.10 1.65
N GLY A 31 3.61 7.96 2.27
CA GLY A 31 3.01 8.94 3.20
C GLY A 31 4.08 9.54 4.12
N GLN A 32 3.66 10.30 5.08
CA GLN A 32 4.64 10.94 6.03
C GLN A 32 5.21 9.88 6.97
N ASP A 33 4.37 9.21 7.69
CA ASP A 33 4.85 8.16 8.65
C ASP A 33 4.92 6.81 7.92
N CYS A 34 4.68 6.82 6.64
CA CYS A 34 4.72 5.55 5.86
C CYS A 34 6.17 5.19 5.53
N GLY A 35 6.36 4.00 5.05
CA GLY A 35 7.73 3.53 4.70
C GLY A 35 7.75 2.00 4.66
N LEU A 36 6.70 1.37 5.13
CA LEU A 36 6.65 -0.11 5.13
C LEU A 36 6.51 -0.65 3.72
N ALA A 37 6.90 -1.89 3.52
CA ALA A 37 6.80 -2.50 2.16
C ALA A 37 6.04 -3.81 2.24
N TYR A 38 5.31 -4.12 1.20
CA TYR A 38 4.51 -5.37 1.15
C TYR A 38 4.77 -6.10 -0.18
N PRO A 39 5.10 -7.39 -0.12
CA PRO A 39 5.37 -8.19 -1.35
C PRO A 39 4.08 -8.57 -2.09
N VAL A 40 4.21 -8.99 -3.32
CA VAL A 40 3.02 -9.39 -4.13
C VAL A 40 3.00 -10.91 -4.29
N ARG A 41 1.86 -11.51 -4.05
CA ARG A 41 1.74 -12.99 -4.17
C ARG A 41 0.64 -13.35 -5.17
N ASP A 42 0.97 -14.18 -6.12
CA ASP A 42 -0.02 -14.60 -7.15
C ASP A 42 -0.57 -13.37 -7.87
N GLY A 43 0.22 -12.34 -7.96
CA GLY A 43 -0.23 -11.11 -8.66
C GLY A 43 -1.12 -10.29 -7.73
N ILE A 44 -1.27 -10.73 -6.50
CA ILE A 44 -2.12 -9.97 -5.55
C ILE A 44 -1.25 -9.38 -4.41
N PRO A 45 -1.40 -8.11 -4.11
CA PRO A 45 -0.62 -7.44 -3.04
C PRO A 45 -1.00 -7.92 -1.63
N VAL A 46 -0.05 -8.00 -0.75
CA VAL A 46 -0.36 -8.45 0.64
C VAL A 46 -0.73 -7.25 1.50
N LEU A 47 -1.89 -7.29 2.10
CA LEU A 47 -2.35 -6.17 2.98
C LEU A 47 -2.35 -6.64 4.42
N LEU A 48 -1.45 -7.52 4.77
CA LEU A 48 -1.40 -8.04 6.17
C LEU A 48 -0.26 -7.36 6.93
N VAL A 49 -0.54 -6.89 8.10
CA VAL A 49 0.49 -6.20 8.92
C VAL A 49 1.60 -7.19 9.31
N ASP A 50 1.23 -8.38 9.66
CA ASP A 50 2.25 -9.39 10.06
C ASP A 50 3.23 -9.63 8.92
N GLU A 51 2.75 -9.68 7.71
CA GLU A 51 3.67 -9.91 6.55
C GLU A 51 4.29 -8.58 6.12
N ALA A 52 4.06 -7.54 6.89
CA ALA A 52 4.63 -6.22 6.52
C ALA A 52 6.15 -6.28 6.55
N ARG A 53 6.79 -5.66 5.59
CA ARG A 53 8.29 -5.68 5.55
C ARG A 53 8.81 -4.27 5.84
N ARG A 54 9.59 -4.15 6.88
CA ARG A 54 10.15 -2.83 7.25
C ARG A 54 11.45 -2.59 6.44
N PRO A 55 11.77 -1.35 6.17
CA PRO A 55 12.99 -0.97 5.40
C PRO A 55 14.28 -1.29 6.15
N GLU A 56 15.31 -1.66 5.43
CA GLU A 56 16.61 -1.98 6.07
C GLU A 56 16.39 -2.89 7.28
N MET A 1 -3.02 23.63 -4.93
CA MET A 1 -3.71 22.46 -4.32
C MET A 1 -2.65 21.39 -4.09
N PRO A 2 -1.83 21.56 -3.08
CA PRO A 2 -0.70 20.65 -2.77
C PRO A 2 -0.74 19.28 -3.49
N LEU A 3 -0.95 18.18 -2.83
CA LEU A 3 -0.92 16.89 -3.60
C LEU A 3 -2.17 16.68 -4.44
N GLU A 4 -1.97 16.50 -5.73
CA GLU A 4 -3.08 16.24 -6.69
C GLU A 4 -3.18 14.72 -6.92
N ALA A 5 -2.17 13.99 -6.50
CA ALA A 5 -2.19 12.51 -6.69
C ALA A 5 -3.35 11.93 -5.88
N GLY A 6 -3.76 12.61 -4.84
CA GLY A 6 -4.88 12.09 -4.01
C GLY A 6 -6.14 11.99 -4.87
N LEU A 7 -6.21 12.75 -5.92
CA LEU A 7 -7.41 12.70 -6.80
C LEU A 7 -7.52 11.31 -7.43
N LEU A 8 -6.42 10.74 -7.82
CA LEU A 8 -6.46 9.39 -8.46
C LEU A 8 -6.74 8.33 -7.41
N GLU A 9 -7.46 7.30 -7.77
CA GLU A 9 -7.77 6.22 -6.81
C GLU A 9 -6.48 5.55 -6.34
N ILE A 10 -5.98 5.95 -5.20
CA ILE A 10 -4.71 5.34 -4.66
C ILE A 10 -5.05 4.41 -3.50
N LEU A 11 -4.43 3.27 -3.45
CA LEU A 11 -4.72 2.30 -2.36
C LEU A 11 -4.20 2.85 -1.02
N ALA A 12 -4.84 2.48 0.05
CA ALA A 12 -4.42 2.96 1.41
C ALA A 12 -3.93 1.78 2.26
N CYS A 13 -3.02 2.03 3.17
CA CYS A 13 -2.48 0.93 4.04
C CYS A 13 -3.58 0.46 5.01
N PRO A 14 -3.39 -0.70 5.60
CA PRO A 14 -4.37 -1.27 6.57
C PRO A 14 -4.32 -0.56 7.93
N ALA A 15 -3.41 -0.96 8.78
CA ALA A 15 -3.29 -0.33 10.13
C ALA A 15 -2.88 1.14 9.97
N CYS A 16 -1.88 1.41 9.18
CA CYS A 16 -1.41 2.82 9.00
C CYS A 16 -2.04 3.39 7.73
N HIS A 17 -3.34 3.56 7.72
CA HIS A 17 -4.03 4.11 6.52
C HIS A 17 -3.23 5.27 5.92
N ALA A 18 -2.82 5.12 4.69
CA ALA A 18 -2.04 6.21 4.03
C ALA A 18 -1.75 5.80 2.58
N PRO A 19 -1.45 6.75 1.71
CA PRO A 19 -1.14 6.45 0.29
C PRO A 19 -0.08 5.35 0.12
N LEU A 20 -0.29 4.45 -0.81
CA LEU A 20 0.68 3.33 -1.04
C LEU A 20 1.34 3.49 -2.41
N GLU A 21 2.58 3.06 -2.52
CA GLU A 21 3.29 3.14 -3.83
C GLU A 21 3.54 1.73 -4.35
N GLU A 22 2.97 1.39 -5.49
CA GLU A 22 3.15 0.03 -6.06
C GLU A 22 4.24 0.06 -7.13
N ARG A 23 5.26 -0.75 -6.98
CA ARG A 23 6.36 -0.78 -7.99
C ARG A 23 6.62 -2.23 -8.43
N ASP A 24 6.57 -2.46 -9.72
CA ASP A 24 6.80 -3.84 -10.26
C ASP A 24 5.87 -4.82 -9.56
N ALA A 25 6.29 -5.39 -8.47
CA ALA A 25 5.44 -6.37 -7.74
C ALA A 25 5.63 -6.15 -6.24
N GLU A 26 5.94 -4.94 -5.84
CA GLU A 26 6.15 -4.66 -4.39
C GLU A 26 5.44 -3.35 -4.03
N LEU A 27 4.80 -3.31 -2.88
CA LEU A 27 4.07 -2.07 -2.45
C LEU A 27 4.81 -1.41 -1.29
N ILE A 28 4.97 -0.11 -1.34
CA ILE A 28 5.69 0.62 -0.25
C ILE A 28 4.81 1.76 0.28
N CYS A 29 4.69 1.86 1.58
CA CYS A 29 3.85 2.96 2.14
C CYS A 29 4.41 4.30 1.65
N THR A 30 3.61 5.12 1.00
CA THR A 30 4.11 6.44 0.49
C THR A 30 3.74 7.53 1.50
N GLY A 31 2.77 7.26 2.34
CA GLY A 31 2.36 8.28 3.34
C GLY A 31 3.48 8.49 4.34
N GLN A 32 3.74 9.72 4.70
CA GLN A 32 4.83 10.00 5.68
C GLN A 32 4.46 9.37 7.02
N ASP A 33 3.23 8.98 7.18
CA ASP A 33 2.81 8.35 8.46
C ASP A 33 3.23 6.87 8.45
N CYS A 34 3.78 6.41 7.36
CA CYS A 34 4.22 4.98 7.31
C CYS A 34 5.30 4.81 6.24
N GLY A 35 5.98 3.70 6.26
CA GLY A 35 7.05 3.43 5.25
C GLY A 35 7.22 1.92 5.13
N LEU A 36 6.27 1.16 5.59
CA LEU A 36 6.37 -0.33 5.53
C LEU A 36 6.21 -0.80 4.08
N ALA A 37 6.67 -1.99 3.79
CA ALA A 37 6.57 -2.54 2.40
C ALA A 37 5.80 -3.86 2.41
N TYR A 38 5.03 -4.10 1.38
CA TYR A 38 4.23 -5.36 1.30
C TYR A 38 4.46 -6.01 -0.09
N PRO A 39 4.85 -7.28 -0.15
CA PRO A 39 5.09 -7.98 -1.44
C PRO A 39 3.78 -8.40 -2.12
N VAL A 40 3.81 -8.62 -3.41
CA VAL A 40 2.56 -9.04 -4.12
C VAL A 40 2.55 -10.56 -4.27
N ARG A 41 1.47 -11.20 -3.93
CA ARG A 41 1.40 -12.69 -4.04
C ARG A 41 0.57 -13.09 -5.26
N ASP A 42 1.20 -13.59 -6.28
CA ASP A 42 0.47 -14.00 -7.51
C ASP A 42 -0.40 -12.85 -8.02
N GLY A 43 0.08 -11.64 -7.92
CA GLY A 43 -0.72 -10.47 -8.41
C GLY A 43 -1.68 -9.99 -7.32
N ILE A 44 -1.63 -10.60 -6.16
CA ILE A 44 -2.54 -10.20 -5.05
C ILE A 44 -1.72 -9.54 -3.93
N PRO A 45 -1.83 -8.24 -3.74
CA PRO A 45 -1.09 -7.54 -2.65
C PRO A 45 -1.30 -8.20 -1.28
N VAL A 46 -0.25 -8.37 -0.53
CA VAL A 46 -0.38 -9.00 0.82
C VAL A 46 -0.55 -7.90 1.86
N LEU A 47 -1.77 -7.59 2.22
CA LEU A 47 -2.01 -6.52 3.23
C LEU A 47 -2.02 -7.14 4.62
N LEU A 48 -0.89 -7.68 5.04
CA LEU A 48 -0.80 -8.31 6.39
C LEU A 48 0.28 -7.62 7.21
N VAL A 49 -0.06 -7.15 8.38
CA VAL A 49 0.93 -6.46 9.24
C VAL A 49 2.05 -7.43 9.63
N ASP A 50 1.70 -8.63 10.00
CA ASP A 50 2.73 -9.63 10.41
C ASP A 50 3.69 -9.91 9.24
N GLU A 51 3.18 -10.02 8.05
CA GLU A 51 4.07 -10.30 6.88
C GLU A 51 4.64 -8.99 6.33
N ALA A 52 4.22 -7.88 6.86
CA ALA A 52 4.73 -6.58 6.36
C ALA A 52 6.26 -6.56 6.43
N ARG A 53 6.89 -5.97 5.46
CA ARG A 53 8.39 -5.90 5.45
C ARG A 53 8.83 -4.48 5.81
N ARG A 54 9.89 -4.36 6.56
CA ARG A 54 10.38 -3.01 6.97
C ARG A 54 11.35 -2.48 5.90
N PRO A 55 11.43 -1.18 5.72
CA PRO A 55 12.33 -0.56 4.71
C PRO A 55 13.69 -1.29 4.60
N GLU A 56 14.15 -1.50 3.39
CA GLU A 56 15.45 -2.19 3.20
C GLU A 56 16.59 -1.25 3.59
N MET A 1 -16.43 11.15 -15.84
CA MET A 1 -15.09 10.54 -15.62
C MET A 1 -14.99 9.96 -14.20
N PRO A 2 -15.09 10.80 -13.18
CA PRO A 2 -15.01 10.33 -11.76
C PRO A 2 -16.09 9.30 -11.44
N LEU A 3 -15.76 8.35 -10.59
CA LEU A 3 -16.74 7.28 -10.23
C LEU A 3 -17.80 7.84 -9.28
N GLU A 4 -19.02 7.42 -9.45
CA GLU A 4 -20.13 7.90 -8.57
C GLU A 4 -20.01 9.41 -8.35
N ALA A 5 -20.02 9.84 -7.12
CA ALA A 5 -19.93 11.29 -6.82
C ALA A 5 -18.48 11.76 -6.98
N GLY A 6 -17.57 10.84 -7.13
CA GLY A 6 -16.14 11.23 -7.29
C GLY A 6 -15.53 11.48 -5.91
N LEU A 7 -15.30 10.45 -5.15
CA LEU A 7 -14.71 10.64 -3.79
C LEU A 7 -13.21 10.88 -3.91
N LEU A 8 -12.71 11.87 -3.20
CA LEU A 8 -11.26 12.19 -3.27
C LEU A 8 -10.45 11.16 -2.47
N GLU A 9 -9.27 10.83 -2.95
CA GLU A 9 -8.41 9.85 -2.23
C GLU A 9 -9.22 8.58 -1.92
N ILE A 10 -9.05 7.57 -2.73
CA ILE A 10 -9.78 6.28 -2.52
C ILE A 10 -8.81 5.24 -1.95
N LEU A 11 -7.54 5.43 -2.19
CA LEU A 11 -6.53 4.45 -1.69
C LEU A 11 -6.12 4.84 -0.27
N ALA A 12 -5.92 3.87 0.59
CA ALA A 12 -5.51 4.16 2.00
C ALA A 12 -4.66 3.01 2.52
N CYS A 13 -3.72 3.30 3.38
CA CYS A 13 -2.84 2.22 3.92
C CYS A 13 -3.70 1.17 4.65
N PRO A 14 -3.25 -0.07 4.69
CA PRO A 14 -4.00 -1.15 5.39
C PRO A 14 -4.07 -0.92 6.91
N ALA A 15 -3.14 -0.15 7.42
CA ALA A 15 -3.12 0.13 8.90
C ALA A 15 -3.09 1.65 9.12
N CYS A 16 -2.48 2.37 8.20
CA CYS A 16 -2.39 3.86 8.34
C CYS A 16 -3.51 4.50 7.51
N HIS A 17 -3.44 5.81 7.32
CA HIS A 17 -4.49 6.53 6.53
C HIS A 17 -3.82 7.31 5.39
N ALA A 18 -2.62 6.94 5.04
CA ALA A 18 -1.88 7.65 3.94
C ALA A 18 -2.08 6.90 2.61
N PRO A 19 -1.46 7.38 1.55
CA PRO A 19 -1.57 6.73 0.21
C PRO A 19 -0.52 5.60 -0.01
N LEU A 20 -0.73 4.84 -1.04
CA LEU A 20 0.20 3.71 -1.35
C LEU A 20 0.95 4.01 -2.65
N GLU A 21 2.15 3.50 -2.77
CA GLU A 21 2.95 3.74 -4.00
C GLU A 21 3.45 2.39 -4.53
N GLU A 22 3.09 2.07 -5.74
CA GLU A 22 3.53 0.77 -6.33
C GLU A 22 4.98 0.90 -6.80
N ARG A 23 5.80 -0.09 -6.51
CA ARG A 23 7.23 -0.02 -6.96
C ARG A 23 7.57 -1.32 -7.68
N ASP A 24 7.64 -1.28 -9.00
CA ASP A 24 7.96 -2.49 -9.84
C ASP A 24 8.70 -3.54 -9.03
N ALA A 25 7.97 -4.29 -8.23
CA ALA A 25 8.57 -5.34 -7.35
C ALA A 25 7.63 -5.57 -6.17
N GLU A 26 6.92 -4.55 -5.76
CA GLU A 26 5.99 -4.70 -4.60
C GLU A 26 5.24 -3.39 -4.33
N LEU A 27 4.46 -3.36 -3.26
CA LEU A 27 3.69 -2.12 -2.92
C LEU A 27 4.37 -1.42 -1.74
N ILE A 28 4.62 -0.15 -1.87
CA ILE A 28 5.29 0.63 -0.78
C ILE A 28 4.28 1.55 -0.12
N CYS A 29 4.22 1.54 1.19
CA CYS A 29 3.25 2.42 1.90
C CYS A 29 3.77 3.85 1.85
N THR A 30 3.00 4.77 1.31
CA THR A 30 3.48 6.18 1.22
C THR A 30 3.21 6.90 2.53
N GLY A 31 3.93 7.94 2.80
CA GLY A 31 3.74 8.72 4.07
C GLY A 31 5.02 8.69 4.91
N GLN A 32 5.07 9.53 5.92
CA GLN A 32 6.28 9.58 6.79
C GLN A 32 6.29 8.38 7.73
N ASP A 33 5.23 8.20 8.48
CA ASP A 33 5.17 7.06 9.44
C ASP A 33 4.78 5.79 8.68
N CYS A 34 4.53 5.91 7.41
CA CYS A 34 4.13 4.74 6.60
C CYS A 34 5.39 3.94 6.19
N GLY A 35 5.68 3.89 4.92
CA GLY A 35 6.88 3.15 4.45
C GLY A 35 6.52 1.68 4.24
N LEU A 36 6.12 1.00 5.31
CA LEU A 36 5.74 -0.46 5.24
C LEU A 36 5.64 -0.96 3.78
N ALA A 37 6.37 -2.01 3.47
CA ALA A 37 6.35 -2.55 2.07
C ALA A 37 5.61 -3.88 2.04
N TYR A 38 4.70 -4.02 1.11
CA TYR A 38 3.91 -5.29 1.00
C TYR A 38 4.27 -6.00 -0.33
N PRO A 39 4.80 -7.21 -0.27
CA PRO A 39 5.17 -7.97 -1.50
C PRO A 39 3.95 -8.62 -2.15
N VAL A 40 4.09 -9.05 -3.38
CA VAL A 40 2.95 -9.70 -4.11
C VAL A 40 3.23 -11.20 -4.23
N ARG A 41 2.27 -12.02 -3.89
CA ARG A 41 2.47 -13.50 -3.97
C ARG A 41 1.43 -14.10 -4.93
N ASP A 42 1.89 -14.84 -5.90
CA ASP A 42 0.95 -15.46 -6.88
C ASP A 42 0.09 -14.38 -7.52
N GLY A 43 0.61 -13.18 -7.63
CA GLY A 43 -0.18 -12.08 -8.25
C GLY A 43 -1.14 -11.46 -7.24
N ILE A 44 -1.15 -11.94 -6.02
CA ILE A 44 -2.07 -11.39 -4.98
C ILE A 44 -1.25 -10.57 -3.97
N PRO A 45 -1.65 -9.34 -3.65
CA PRO A 45 -0.91 -8.48 -2.68
C PRO A 45 -1.14 -8.93 -1.23
N VAL A 46 -0.11 -8.84 -0.42
CA VAL A 46 -0.26 -9.25 1.01
C VAL A 46 -0.58 -8.01 1.86
N LEU A 47 -1.84 -7.76 2.09
CA LEU A 47 -2.24 -6.57 2.88
C LEU A 47 -2.19 -6.91 4.37
N LEU A 48 -1.19 -7.66 4.77
CA LEU A 48 -1.05 -8.06 6.21
C LEU A 48 0.16 -7.36 6.84
N VAL A 49 -0.04 -6.70 7.93
CA VAL A 49 1.08 -5.99 8.61
C VAL A 49 2.11 -7.01 9.12
N ASP A 50 1.65 -8.09 9.66
CA ASP A 50 2.59 -9.12 10.20
C ASP A 50 3.53 -9.61 9.08
N GLU A 51 3.02 -9.81 7.90
CA GLU A 51 3.88 -10.29 6.78
C GLU A 51 4.46 -9.10 6.03
N ALA A 52 4.05 -7.92 6.38
CA ALA A 52 4.58 -6.70 5.70
C ALA A 52 6.07 -6.57 5.98
N ARG A 53 6.81 -6.00 5.08
CA ARG A 53 8.28 -5.84 5.27
C ARG A 53 8.60 -4.39 5.61
N ARG A 54 9.55 -4.17 6.48
CA ARG A 54 9.93 -2.79 6.89
C ARG A 54 11.12 -2.30 6.03
N PRO A 55 10.94 -1.31 5.18
CA PRO A 55 12.06 -0.79 4.33
C PRO A 55 13.30 -0.43 5.15
N GLU A 56 14.47 -0.67 4.60
CA GLU A 56 15.74 -0.33 5.33
C GLU A 56 16.89 -0.22 4.31
N MET A 1 -15.74 16.06 -16.75
CA MET A 1 -16.45 15.26 -15.72
C MET A 1 -17.42 14.28 -16.39
N PRO A 2 -16.90 13.31 -17.10
CA PRO A 2 -17.73 12.30 -17.80
C PRO A 2 -18.70 11.60 -16.85
N LEU A 3 -18.21 11.18 -15.71
CA LEU A 3 -19.10 10.51 -14.72
C LEU A 3 -18.33 10.33 -13.41
N GLU A 4 -18.78 10.98 -12.38
CA GLU A 4 -18.08 10.88 -11.06
C GLU A 4 -18.19 9.44 -10.53
N ALA A 5 -17.12 8.92 -10.00
CA ALA A 5 -17.12 7.53 -9.47
C ALA A 5 -17.92 7.46 -8.18
N GLY A 6 -18.58 6.36 -7.94
CA GLY A 6 -19.40 6.21 -6.69
C GLY A 6 -18.48 6.02 -5.48
N LEU A 7 -17.97 4.83 -5.29
CA LEU A 7 -17.08 4.58 -4.12
C LEU A 7 -15.72 5.22 -4.34
N LEU A 8 -15.11 5.69 -3.29
CA LEU A 8 -13.78 6.34 -3.43
C LEU A 8 -12.73 5.29 -3.79
N GLU A 9 -11.90 5.61 -4.75
CA GLU A 9 -10.83 4.67 -5.19
C GLU A 9 -9.53 5.01 -4.46
N ILE A 10 -9.52 6.11 -3.75
CA ILE A 10 -8.27 6.51 -3.02
C ILE A 10 -7.72 5.31 -2.26
N LEU A 11 -6.45 5.03 -2.43
CA LEU A 11 -5.82 3.87 -1.74
C LEU A 11 -5.55 4.24 -0.28
N ALA A 12 -5.64 3.28 0.60
CA ALA A 12 -5.39 3.56 2.04
C ALA A 12 -4.87 2.30 2.72
N CYS A 13 -3.93 2.46 3.61
CA CYS A 13 -3.36 1.27 4.31
C CYS A 13 -4.23 0.92 5.52
N PRO A 14 -4.15 -0.30 6.00
CA PRO A 14 -4.92 -0.77 7.18
C PRO A 14 -4.42 -0.14 8.48
N ALA A 15 -3.35 -0.67 9.02
CA ALA A 15 -2.81 -0.11 10.29
C ALA A 15 -2.48 1.37 10.13
N CYS A 16 -1.79 1.72 9.06
CA CYS A 16 -1.45 3.15 8.84
C CYS A 16 -2.42 3.77 7.83
N HIS A 17 -2.53 5.07 7.82
CA HIS A 17 -3.46 5.76 6.87
C HIS A 17 -2.67 6.47 5.78
N ALA A 18 -2.77 6.01 4.57
CA ALA A 18 -2.03 6.65 3.44
C ALA A 18 -2.02 5.70 2.24
N PRO A 19 -1.86 6.23 1.04
CA PRO A 19 -1.82 5.42 -0.20
C PRO A 19 -0.53 4.59 -0.30
N LEU A 20 -0.53 3.60 -1.16
CA LEU A 20 0.67 2.74 -1.33
C LEU A 20 1.13 2.78 -2.79
N GLU A 21 2.41 2.67 -3.02
CA GLU A 21 2.94 2.70 -4.41
C GLU A 21 3.34 1.29 -4.83
N GLU A 22 2.83 0.84 -5.95
CA GLU A 22 3.14 -0.53 -6.44
C GLU A 22 4.40 -0.50 -7.30
N ARG A 23 5.39 -1.27 -6.93
CA ARG A 23 6.65 -1.29 -7.74
C ARG A 23 7.59 -2.38 -7.22
N ASP A 24 8.53 -2.77 -8.02
CA ASP A 24 9.49 -3.83 -7.60
C ASP A 24 8.70 -5.06 -7.12
N ALA A 25 7.55 -5.29 -7.69
CA ALA A 25 6.73 -6.47 -7.29
C ALA A 25 6.28 -6.34 -5.83
N GLU A 26 6.25 -5.14 -5.32
CA GLU A 26 5.82 -4.94 -3.90
C GLU A 26 5.11 -3.60 -3.77
N LEU A 27 4.32 -3.44 -2.74
CA LEU A 27 3.59 -2.15 -2.52
C LEU A 27 4.25 -1.41 -1.35
N ILE A 28 4.65 -0.18 -1.59
CA ILE A 28 5.32 0.61 -0.51
C ILE A 28 4.32 1.60 0.08
N CYS A 29 4.19 1.61 1.38
CA CYS A 29 3.22 2.53 2.04
C CYS A 29 3.75 3.97 1.96
N THR A 30 2.94 4.89 1.52
CA THR A 30 3.39 6.30 1.40
C THR A 30 3.20 7.02 2.74
N GLY A 31 3.72 8.21 2.85
CA GLY A 31 3.58 9.00 4.11
C GLY A 31 4.90 8.96 4.90
N GLN A 32 5.22 10.03 5.57
CA GLN A 32 6.48 10.08 6.36
C GLN A 32 6.37 9.12 7.55
N ASP A 33 5.34 9.27 8.34
CA ASP A 33 5.17 8.38 9.53
C ASP A 33 4.53 7.07 9.10
N CYS A 34 4.14 6.97 7.86
CA CYS A 34 3.51 5.72 7.34
C CYS A 34 4.40 5.12 6.25
N GLY A 35 5.36 4.32 6.64
CA GLY A 35 6.28 3.69 5.64
C GLY A 35 5.96 2.20 5.55
N LEU A 36 6.98 1.38 5.44
CA LEU A 36 6.80 -0.11 5.34
C LEU A 36 6.27 -0.48 3.96
N ALA A 37 6.44 -1.72 3.59
CA ALA A 37 5.96 -2.16 2.25
C ALA A 37 5.49 -3.61 2.33
N TYR A 38 4.54 -3.98 1.50
CA TYR A 38 4.02 -5.38 1.50
C TYR A 38 4.35 -6.04 0.15
N PRO A 39 4.85 -7.26 0.14
CA PRO A 39 5.20 -7.96 -1.13
C PRO A 39 3.95 -8.45 -1.88
N VAL A 40 4.10 -8.74 -3.16
CA VAL A 40 2.96 -9.21 -3.98
C VAL A 40 3.14 -10.71 -4.27
N ARG A 41 2.09 -11.47 -4.06
CA ARG A 41 2.18 -12.95 -4.31
C ARG A 41 1.29 -13.32 -5.50
N ASP A 42 1.87 -13.89 -6.52
CA ASP A 42 1.08 -14.28 -7.72
C ASP A 42 0.36 -13.06 -8.28
N GLY A 43 0.84 -11.88 -7.99
CA GLY A 43 0.19 -10.65 -8.52
C GLY A 43 -0.82 -10.12 -7.50
N ILE A 44 -0.99 -10.80 -6.39
CA ILE A 44 -1.97 -10.33 -5.35
C ILE A 44 -1.19 -9.68 -4.19
N PRO A 45 -1.49 -8.45 -3.84
CA PRO A 45 -0.78 -7.73 -2.73
C PRO A 45 -1.16 -8.29 -1.36
N VAL A 46 -0.21 -8.37 -0.46
CA VAL A 46 -0.51 -8.90 0.91
C VAL A 46 -0.95 -7.74 1.80
N LEU A 47 -2.15 -7.79 2.31
CA LEU A 47 -2.65 -6.69 3.19
C LEU A 47 -2.54 -7.12 4.64
N LEU A 48 -1.54 -7.91 4.96
CA LEU A 48 -1.36 -8.38 6.37
C LEU A 48 -0.16 -7.66 7.00
N VAL A 49 -0.36 -7.11 8.15
CA VAL A 49 0.73 -6.38 8.85
C VAL A 49 1.85 -7.35 9.23
N ASP A 50 1.50 -8.51 9.71
CA ASP A 50 2.54 -9.49 10.12
C ASP A 50 3.43 -9.84 8.94
N GLU A 51 2.96 -9.61 7.74
CA GLU A 51 3.78 -9.93 6.53
C GLU A 51 4.39 -8.64 5.98
N ALA A 52 4.15 -7.54 6.64
CA ALA A 52 4.71 -6.24 6.16
C ALA A 52 6.23 -6.25 6.28
N ARG A 53 6.91 -5.60 5.36
CA ARG A 53 8.40 -5.56 5.41
C ARG A 53 8.86 -4.10 5.54
N ARG A 54 9.89 -3.88 6.31
CA ARG A 54 10.40 -2.49 6.52
C ARG A 54 11.46 -2.18 5.45
N PRO A 55 11.99 -0.98 5.45
CA PRO A 55 13.02 -0.55 4.46
C PRO A 55 14.29 -1.42 4.52
N GLU A 56 14.91 -1.64 3.38
CA GLU A 56 16.15 -2.47 3.35
C GLU A 56 15.82 -3.90 3.82
N MET A 1 -24.05 1.19 -20.33
CA MET A 1 -24.86 0.14 -19.66
C MET A 1 -24.27 -0.16 -18.28
N PRO A 2 -24.39 0.76 -17.37
CA PRO A 2 -23.85 0.60 -15.99
C PRO A 2 -24.75 -0.28 -15.13
N LEU A 3 -24.26 -1.43 -14.76
CA LEU A 3 -25.06 -2.35 -13.93
C LEU A 3 -25.33 -1.70 -12.57
N GLU A 4 -24.35 -1.02 -12.03
CA GLU A 4 -24.54 -0.36 -10.71
C GLU A 4 -23.31 0.48 -10.37
N ALA A 5 -23.54 1.64 -9.80
CA ALA A 5 -22.42 2.55 -9.44
C ALA A 5 -21.51 1.88 -8.41
N GLY A 6 -20.55 1.15 -8.88
CA GLY A 6 -19.60 0.45 -7.96
C GLY A 6 -18.67 1.45 -7.29
N LEU A 7 -18.15 1.08 -6.15
CA LEU A 7 -17.23 1.99 -5.40
C LEU A 7 -15.81 1.84 -5.92
N LEU A 8 -15.20 2.93 -6.25
CA LEU A 8 -13.80 2.89 -6.77
C LEU A 8 -12.87 2.37 -5.67
N GLU A 9 -13.07 2.83 -4.47
CA GLU A 9 -12.22 2.39 -3.33
C GLU A 9 -10.75 2.74 -3.60
N ILE A 10 -10.25 3.73 -2.93
CA ILE A 10 -8.83 4.15 -3.11
C ILE A 10 -7.90 3.26 -2.31
N LEU A 11 -6.72 3.06 -2.80
CA LEU A 11 -5.73 2.19 -2.09
C LEU A 11 -5.28 2.85 -0.80
N ALA A 12 -5.23 2.09 0.25
CA ALA A 12 -4.80 2.63 1.58
C ALA A 12 -4.28 1.50 2.45
N CYS A 13 -3.42 1.83 3.37
CA CYS A 13 -2.83 0.81 4.26
C CYS A 13 -3.85 0.37 5.31
N PRO A 14 -3.76 -0.87 5.75
CA PRO A 14 -4.69 -1.42 6.78
C PRO A 14 -4.39 -0.84 8.16
N ALA A 15 -3.28 -0.15 8.29
CA ALA A 15 -2.92 0.45 9.61
C ALA A 15 -2.51 1.91 9.41
N CYS A 16 -1.58 2.15 8.52
CA CYS A 16 -1.11 3.55 8.28
C CYS A 16 -2.26 4.36 7.67
N HIS A 17 -3.13 3.71 6.95
CA HIS A 17 -4.26 4.42 6.29
C HIS A 17 -3.71 5.42 5.27
N ALA A 18 -2.41 5.49 5.16
CA ALA A 18 -1.79 6.43 4.19
C ALA A 18 -1.83 5.81 2.78
N PRO A 19 -1.53 6.60 1.79
CA PRO A 19 -1.52 6.13 0.37
C PRO A 19 -0.38 5.14 0.09
N LEU A 20 -0.58 4.29 -0.87
CA LEU A 20 0.46 3.27 -1.22
C LEU A 20 1.04 3.58 -2.59
N GLU A 21 2.26 3.18 -2.80
CA GLU A 21 2.94 3.44 -4.11
C GLU A 21 3.49 2.14 -4.67
N GLU A 22 3.36 1.95 -5.95
CA GLU A 22 3.85 0.70 -6.59
C GLU A 22 5.33 0.84 -6.93
N ARG A 23 6.11 -0.13 -6.51
CA ARG A 23 7.58 -0.08 -6.78
C ARG A 23 7.97 -1.36 -7.50
N ASP A 24 9.08 -1.30 -8.21
CA ASP A 24 9.60 -2.48 -8.97
C ASP A 24 8.51 -3.54 -9.14
N ALA A 25 8.37 -4.40 -8.17
CA ALA A 25 7.31 -5.45 -8.24
C ALA A 25 6.70 -5.64 -6.86
N GLU A 26 6.68 -4.60 -6.06
CA GLU A 26 6.10 -4.71 -4.69
C GLU A 26 5.40 -3.41 -4.32
N LEU A 27 4.62 -3.45 -3.27
CA LEU A 27 3.88 -2.25 -2.81
C LEU A 27 4.63 -1.55 -1.71
N ILE A 28 4.74 -0.25 -1.82
CA ILE A 28 5.47 0.55 -0.78
C ILE A 28 4.54 1.53 -0.11
N CYS A 29 4.57 1.55 1.19
CA CYS A 29 3.70 2.48 1.96
C CYS A 29 4.19 3.90 1.76
N THR A 30 3.30 4.78 1.37
CA THR A 30 3.69 6.20 1.15
C THR A 30 2.88 7.11 2.07
N GLY A 31 3.56 7.91 2.83
CA GLY A 31 2.87 8.85 3.75
C GLY A 31 3.86 9.42 4.77
N GLN A 32 3.36 9.99 5.83
CA GLN A 32 4.24 10.58 6.87
C GLN A 32 4.87 9.47 7.71
N ASP A 33 4.06 8.65 8.32
CA ASP A 33 4.60 7.54 9.16
C ASP A 33 4.62 6.26 8.33
N CYS A 34 4.49 6.39 7.04
CA CYS A 34 4.49 5.19 6.15
C CYS A 34 5.92 4.88 5.69
N GLY A 35 6.12 3.70 5.20
CA GLY A 35 7.46 3.30 4.71
C GLY A 35 7.53 1.77 4.59
N LEU A 36 6.55 1.09 5.12
CA LEU A 36 6.54 -0.40 5.05
C LEU A 36 6.44 -0.87 3.61
N ALA A 37 6.78 -2.11 3.37
CA ALA A 37 6.72 -2.65 1.99
C ALA A 37 6.02 -4.01 2.00
N TYR A 38 5.24 -4.25 0.99
CA TYR A 38 4.50 -5.54 0.89
C TYR A 38 4.77 -6.19 -0.48
N PRO A 39 5.17 -7.45 -0.51
CA PRO A 39 5.44 -8.17 -1.78
C PRO A 39 4.15 -8.62 -2.48
N VAL A 40 4.26 -9.02 -3.71
CA VAL A 40 3.06 -9.47 -4.47
C VAL A 40 2.92 -10.98 -4.36
N ARG A 41 1.76 -11.43 -3.99
CA ARG A 41 1.52 -12.89 -3.85
C ARG A 41 0.15 -13.25 -4.43
N ASP A 42 0.07 -14.38 -5.08
CA ASP A 42 -1.21 -14.83 -5.68
C ASP A 42 -1.73 -13.77 -6.64
N GLY A 43 -0.85 -13.00 -7.20
CA GLY A 43 -1.25 -11.94 -8.16
C GLY A 43 -1.87 -10.78 -7.40
N ILE A 44 -1.74 -10.77 -6.11
CA ILE A 44 -2.31 -9.65 -5.30
C ILE A 44 -1.31 -9.24 -4.20
N PRO A 45 -1.31 -7.98 -3.82
CA PRO A 45 -0.41 -7.47 -2.76
C PRO A 45 -0.78 -7.97 -1.37
N VAL A 46 0.19 -8.16 -0.53
CA VAL A 46 -0.08 -8.65 0.85
C VAL A 46 -0.44 -7.48 1.75
N LEU A 47 -1.72 -7.25 1.93
CA LEU A 47 -2.17 -6.12 2.79
C LEU A 47 -2.11 -6.55 4.25
N LEU A 48 -1.08 -7.28 4.60
CA LEU A 48 -0.93 -7.75 6.02
C LEU A 48 0.33 -7.13 6.61
N VAL A 49 0.15 -6.37 7.65
CA VAL A 49 1.31 -5.72 8.32
C VAL A 49 2.20 -6.78 8.96
N ASP A 50 1.63 -7.88 9.36
CA ASP A 50 2.42 -8.95 10.00
C ASP A 50 3.44 -9.52 9.02
N GLU A 51 3.03 -9.74 7.80
CA GLU A 51 3.96 -10.31 6.78
C GLU A 51 4.62 -9.16 6.02
N ALA A 52 4.24 -7.96 6.31
CA ALA A 52 4.84 -6.78 5.61
C ALA A 52 6.29 -6.62 6.02
N ARG A 53 7.09 -6.07 5.14
CA ARG A 53 8.54 -5.87 5.45
C ARG A 53 8.81 -4.41 5.78
N ARG A 54 9.70 -4.20 6.72
CA ARG A 54 10.03 -2.81 7.12
C ARG A 54 11.29 -2.35 6.39
N PRO A 55 11.47 -1.07 6.24
CA PRO A 55 12.67 -0.50 5.56
C PRO A 55 13.98 -1.11 6.04
N GLU A 56 14.87 -1.36 5.13
CA GLU A 56 16.18 -1.95 5.49
C GLU A 56 15.98 -3.16 6.39
N MET A 1 -29.77 -3.05 0.68
CA MET A 1 -28.71 -2.61 -0.26
C MET A 1 -27.89 -3.81 -0.72
N PRO A 2 -28.55 -4.79 -1.29
CA PRO A 2 -27.88 -6.03 -1.78
C PRO A 2 -27.00 -5.78 -3.00
N LEU A 3 -25.95 -6.52 -3.12
CA LEU A 3 -25.02 -6.37 -4.28
C LEU A 3 -24.55 -4.93 -4.40
N GLU A 4 -23.80 -4.65 -5.42
CA GLU A 4 -23.28 -3.28 -5.65
C GLU A 4 -22.51 -2.78 -4.42
N ALA A 5 -21.72 -1.77 -4.60
CA ALA A 5 -20.93 -1.21 -3.47
C ALA A 5 -20.33 0.12 -3.90
N GLY A 6 -20.37 0.41 -5.18
CA GLY A 6 -19.82 1.71 -5.68
C GLY A 6 -18.30 1.61 -5.85
N LEU A 7 -17.76 2.47 -6.65
CA LEU A 7 -16.28 2.46 -6.90
C LEU A 7 -15.55 3.08 -5.71
N LEU A 8 -14.42 2.54 -5.38
CA LEU A 8 -13.64 3.05 -4.23
C LEU A 8 -12.99 4.38 -4.59
N GLU A 9 -12.90 5.26 -3.65
CA GLU A 9 -12.29 6.59 -3.89
C GLU A 9 -10.78 6.51 -3.74
N ILE A 10 -10.26 7.08 -2.69
CA ILE A 10 -8.78 7.08 -2.47
C ILE A 10 -8.38 5.89 -1.61
N LEU A 11 -7.27 5.30 -1.93
CA LEU A 11 -6.78 4.11 -1.16
C LEU A 11 -5.91 4.56 -0.01
N ALA A 12 -5.86 3.77 1.02
CA ALA A 12 -5.02 4.11 2.21
C ALA A 12 -4.49 2.83 2.85
N CYS A 13 -3.33 2.92 3.42
CA CYS A 13 -2.70 1.73 4.07
C CYS A 13 -3.62 1.21 5.18
N PRO A 14 -3.44 -0.03 5.56
CA PRO A 14 -4.24 -0.67 6.64
C PRO A 14 -3.96 -0.06 8.02
N ALA A 15 -2.88 -0.45 8.62
CA ALA A 15 -2.53 0.07 9.97
C ALA A 15 -2.32 1.57 9.90
N CYS A 16 -1.66 2.04 8.88
CA CYS A 16 -1.42 3.52 8.74
C CYS A 16 -2.33 4.09 7.66
N HIS A 17 -2.56 5.37 7.73
CA HIS A 17 -3.43 6.05 6.72
C HIS A 17 -2.55 6.80 5.72
N ALA A 18 -2.41 6.25 4.55
CA ALA A 18 -1.58 6.89 3.50
C ALA A 18 -1.65 6.05 2.21
N PRO A 19 -1.41 6.66 1.08
CA PRO A 19 -1.45 5.96 -0.24
C PRO A 19 -0.30 4.95 -0.41
N LEU A 20 -0.45 4.09 -1.38
CA LEU A 20 0.60 3.06 -1.64
C LEU A 20 1.23 3.32 -2.99
N GLU A 21 2.47 2.93 -3.14
CA GLU A 21 3.19 3.13 -4.43
C GLU A 21 3.74 1.80 -4.91
N GLU A 22 3.32 1.39 -6.08
CA GLU A 22 3.78 0.11 -6.65
C GLU A 22 5.16 0.28 -7.29
N ARG A 23 6.03 -0.66 -7.04
CA ARG A 23 7.40 -0.60 -7.63
C ARG A 23 8.11 -1.94 -7.44
N ASP A 24 8.89 -2.31 -8.41
CA ASP A 24 9.65 -3.59 -8.33
C ASP A 24 8.69 -4.74 -8.05
N ALA A 25 7.51 -4.68 -8.61
CA ALA A 25 6.52 -5.77 -8.40
C ALA A 25 6.13 -5.83 -6.93
N GLU A 26 6.37 -4.77 -6.19
CA GLU A 26 6.01 -4.77 -4.74
C GLU A 26 5.30 -3.47 -4.39
N LEU A 27 4.58 -3.48 -3.30
CA LEU A 27 3.82 -2.27 -2.88
C LEU A 27 4.56 -1.56 -1.77
N ILE A 28 4.81 -0.29 -1.96
CA ILE A 28 5.55 0.52 -0.93
C ILE A 28 4.58 1.49 -0.26
N CYS A 29 4.55 1.46 1.05
CA CYS A 29 3.64 2.35 1.80
C CYS A 29 4.10 3.79 1.66
N THR A 30 3.27 4.65 1.12
CA THR A 30 3.67 6.07 0.94
C THR A 30 2.94 6.93 1.97
N GLY A 31 3.68 7.50 2.87
CA GLY A 31 3.06 8.37 3.91
C GLY A 31 4.15 9.02 4.78
N GLN A 32 3.77 9.96 5.57
CA GLN A 32 4.75 10.67 6.45
C GLN A 32 5.28 9.68 7.50
N ASP A 33 4.41 8.99 8.17
CA ASP A 33 4.84 8.01 9.21
C ASP A 33 4.88 6.62 8.60
N CYS A 34 4.54 6.52 7.35
CA CYS A 34 4.54 5.18 6.67
C CYS A 34 5.95 4.82 6.23
N GLY A 35 6.07 3.76 5.48
CA GLY A 35 7.42 3.33 5.00
C GLY A 35 7.42 1.81 4.85
N LEU A 36 6.40 1.16 5.32
CA LEU A 36 6.32 -0.33 5.23
C LEU A 36 6.24 -0.78 3.78
N ALA A 37 6.56 -2.02 3.54
CA ALA A 37 6.52 -2.57 2.14
C ALA A 37 5.78 -3.89 2.14
N TYR A 38 4.95 -4.10 1.14
CA TYR A 38 4.17 -5.37 1.04
C TYR A 38 4.45 -6.02 -0.34
N PRO A 39 4.88 -7.26 -0.34
CA PRO A 39 5.16 -8.00 -1.60
C PRO A 39 3.89 -8.51 -2.28
N VAL A 40 4.00 -8.91 -3.51
CA VAL A 40 2.82 -9.44 -4.25
C VAL A 40 3.02 -10.91 -4.55
N ARG A 41 2.03 -11.71 -4.27
CA ARG A 41 2.12 -13.18 -4.53
C ARG A 41 1.03 -13.60 -5.51
N ASP A 42 1.42 -14.13 -6.63
CA ASP A 42 0.45 -14.58 -7.66
C ASP A 42 -0.45 -13.42 -8.07
N GLY A 43 0.10 -12.24 -8.07
CA GLY A 43 -0.70 -11.04 -8.46
C GLY A 43 -1.54 -10.58 -7.28
N ILE A 44 -1.47 -11.28 -6.19
CA ILE A 44 -2.28 -10.91 -4.99
C ILE A 44 -1.38 -10.15 -3.99
N PRO A 45 -1.77 -8.95 -3.63
CA PRO A 45 -0.99 -8.12 -2.67
C PRO A 45 -1.16 -8.57 -1.23
N VAL A 46 -0.12 -8.46 -0.44
CA VAL A 46 -0.21 -8.87 0.98
C VAL A 46 -0.67 -7.68 1.82
N LEU A 47 -1.69 -7.89 2.61
CA LEU A 47 -2.24 -6.79 3.48
C LEU A 47 -2.10 -7.21 4.94
N LEU A 48 -1.16 -8.07 5.24
CA LEU A 48 -0.98 -8.51 6.66
C LEU A 48 0.19 -7.74 7.28
N VAL A 49 -0.04 -7.20 8.44
CA VAL A 49 1.01 -6.42 9.14
C VAL A 49 2.17 -7.35 9.52
N ASP A 50 1.87 -8.52 9.98
CA ASP A 50 2.94 -9.47 10.40
C ASP A 50 3.80 -9.82 9.19
N GLU A 51 3.18 -9.98 8.04
CA GLU A 51 3.96 -10.35 6.82
C GLU A 51 4.52 -9.08 6.17
N ALA A 52 4.11 -7.94 6.65
CA ALA A 52 4.58 -6.65 6.07
C ALA A 52 6.09 -6.52 6.28
N ARG A 53 6.76 -5.91 5.34
CA ARG A 53 8.25 -5.74 5.46
C ARG A 53 8.58 -4.32 5.88
N ARG A 54 9.54 -4.19 6.76
CA ARG A 54 9.95 -2.85 7.26
C ARG A 54 11.04 -2.28 6.35
N PRO A 55 11.11 -0.97 6.25
CA PRO A 55 12.13 -0.29 5.41
C PRO A 55 13.55 -0.54 5.87
N GLU A 56 14.47 -0.62 4.94
CA GLU A 56 15.88 -0.86 5.29
C GLU A 56 16.79 -0.44 4.12
#